data_6HEP
#
_entry.id   6HEP
#
_cell.length_a   70.619
_cell.length_b   111.599
_cell.length_c   130.750
_cell.angle_alpha   90.00
_cell.angle_beta   90.00
_cell.angle_gamma   90.00
#
_symmetry.space_group_name_H-M   'P 21 21 21'
#
loop_
_entity.id
_entity.type
_entity.pdbx_description
1 polymer '14-3-3 protein beta/alpha'
2 polymer 'Cystic fibrosis transmembrane conductance regulator'
3 non-polymer 2-{2-[2-2-(METHOXY-ETHOXY)-ETHOXY]-ETHOXY}-ETHANOL
4 water water
#
loop_
_entity_poly.entity_id
_entity_poly.type
_entity_poly.pdbx_seq_one_letter_code
_entity_poly.pdbx_strand_id
1 'polypeptide(L)'
;MGSMTMDKSELVQKAKLAEQAERYDDMAAAMKAVTEQGHELSNEERNLLSVAYKNVVGARRSSWRVISSIEQKTERNEKK
QQMGKEYREKIEAELQDICNDVLELLDKYLIPNATQPESKVFYLKMKGDYFRYLSEVASGDNKQTTVSNSQQAYQEAFEI
SKKEMQPTHPIRLGLALNFSVFYYEILNSPEKACSLAKTAFDEAIAELDTLNEESYKDSTLIMQLLRDNLTLWTS
;
A,B,C,D
2 'polypeptide(L)' AILPRI(SEP)VISTGPTLQARRRQ(SEP)VLNLMT E,F
#
loop_
_chem_comp.id
_chem_comp.type
_chem_comp.name
_chem_comp.formula
ETE non-polymer 2-{2-[2-2-(METHOXY-ETHOXY)-ETHOXY]-ETHOXY}-ETHANOL 'C9 H20 O5'
#
# COMPACT_ATOMS: atom_id res chain seq x y z
N MET A 6 1.98 32.07 16.61
CA MET A 6 2.51 31.42 15.41
C MET A 6 1.83 31.95 14.15
N ASP A 7 2.63 32.32 13.15
CA ASP A 7 2.01 32.66 11.88
C ASP A 7 1.69 31.38 11.11
N LYS A 8 1.01 31.56 9.98
CA LYS A 8 0.56 30.42 9.17
C LYS A 8 1.73 29.52 8.76
N SER A 9 2.87 30.12 8.39
CA SER A 9 4.01 29.33 7.94
C SER A 9 4.55 28.44 9.05
N GLU A 10 4.59 28.95 10.29
CA GLU A 10 5.02 28.13 11.42
C GLU A 10 4.02 27.03 11.74
N LEU A 11 2.71 27.33 11.65
CA LEU A 11 1.69 26.33 11.91
C LEU A 11 1.71 25.22 10.87
N VAL A 12 1.85 25.57 9.59
CA VAL A 12 1.94 24.53 8.56
C VAL A 12 3.18 23.68 8.76
N GLN A 13 4.29 24.29 9.18
CA GLN A 13 5.49 23.50 9.44
C GLN A 13 5.30 22.58 10.65
N LYS A 14 4.64 23.08 11.70
CA LYS A 14 4.30 22.21 12.84
C LYS A 14 3.43 21.03 12.41
N ALA A 15 2.45 21.27 11.53
CA ALA A 15 1.57 20.20 11.06
C ALA A 15 2.35 19.12 10.31
N LYS A 16 3.31 19.52 9.48
CA LYS A 16 4.12 18.56 8.75
C LYS A 16 5.02 17.76 9.69
N LEU A 17 5.55 18.42 10.71
CA LEU A 17 6.36 17.71 11.70
C LEU A 17 5.52 16.71 12.47
N ALA A 18 4.36 17.16 12.95
CA ALA A 18 3.44 16.30 13.69
C ALA A 18 3.01 15.10 12.85
N GLU A 19 2.75 15.31 11.55
CA GLU A 19 2.44 14.19 10.66
C GLU A 19 3.56 13.16 10.63
N GLN A 20 4.80 13.62 10.44
CA GLN A 20 5.95 12.72 10.42
C GLN A 20 6.10 11.96 11.73
N ALA A 21 5.86 12.63 12.86
CA ALA A 21 5.93 12.03 14.18
C ALA A 21 4.69 11.24 14.55
N GLU A 22 3.71 11.11 13.64
CA GLU A 22 2.45 10.41 13.90
C GLU A 22 1.75 10.96 15.15
N ARG A 23 1.74 12.28 15.29
CA ARG A 23 1.04 12.93 16.39
C ARG A 23 -0.13 13.68 15.78
N TYR A 24 -1.21 12.95 15.49
CA TYR A 24 -2.24 13.52 14.61
C TYR A 24 -3.13 14.52 15.32
N ASP A 25 -3.29 14.40 16.65
CA ASP A 25 -4.03 15.42 17.38
C ASP A 25 -3.32 16.76 17.33
N ASP A 26 -1.99 16.75 17.48
CA ASP A 26 -1.18 17.94 17.25
C ASP A 26 -1.36 18.47 15.84
N MET A 27 -1.30 17.59 14.85
CA MET A 27 -1.44 18.00 13.46
C MET A 27 -2.79 18.67 13.22
N ALA A 28 -3.86 18.10 13.77
CA ALA A 28 -5.20 18.65 13.55
C ALA A 28 -5.35 20.00 14.25
N ALA A 29 -4.76 20.14 15.45
CA ALA A 29 -4.80 21.42 16.15
C ALA A 29 -4.11 22.51 15.35
N ALA A 30 -2.98 22.18 14.71
CA ALA A 30 -2.25 23.17 13.92
C ALA A 30 -3.04 23.58 12.68
N MET A 31 -3.62 22.60 11.97
CA MET A 31 -4.38 22.94 10.76
C MET A 31 -5.72 23.57 11.09
N LYS A 32 -6.28 23.29 12.26
CA LYS A 32 -7.47 24.02 12.67
C LYS A 32 -7.15 25.49 12.89
N ALA A 33 -6.02 25.78 13.52
CA ALA A 33 -5.60 27.15 13.76
C ALA A 33 -5.33 27.89 12.44
N VAL A 34 -4.68 27.20 11.48
CA VAL A 34 -4.51 27.78 10.14
C VAL A 34 -5.86 28.15 9.54
N THR A 35 -6.80 27.20 9.56
CA THR A 35 -8.12 27.42 8.94
C THR A 35 -8.84 28.59 9.59
N GLU A 36 -8.75 28.70 10.92
CA GLU A 36 -9.45 29.77 11.63
C GLU A 36 -8.84 31.13 11.39
N GLN A 37 -7.69 31.21 10.72
CA GLN A 37 -7.17 32.49 10.28
C GLN A 37 -7.95 33.08 9.10
N GLY A 38 -8.80 32.29 8.44
CA GLY A 38 -9.82 32.83 7.57
C GLY A 38 -9.52 32.85 6.08
N HIS A 39 -8.27 32.61 5.69
CA HIS A 39 -7.89 32.61 4.28
C HIS A 39 -8.29 31.31 3.60
N GLU A 40 -8.31 31.34 2.28
CA GLU A 40 -8.57 30.12 1.52
C GLU A 40 -7.35 29.20 1.59
N LEU A 41 -7.58 27.93 1.93
CA LEU A 41 -6.47 26.99 2.05
C LEU A 41 -5.92 26.62 0.68
N SER A 42 -4.59 26.53 0.60
CA SER A 42 -3.96 25.94 -0.57
C SER A 42 -4.26 24.44 -0.66
N ASN A 43 -3.92 23.85 -1.82
CA ASN A 43 -4.05 22.41 -1.97
C ASN A 43 -3.21 21.67 -0.94
N GLU A 44 -2.02 22.20 -0.63
CA GLU A 44 -1.16 21.59 0.37
C GLU A 44 -1.78 21.68 1.77
N GLU A 45 -2.24 22.88 2.17
CA GLU A 45 -2.87 23.01 3.48
C GLU A 45 -4.17 22.21 3.56
N ARG A 46 -4.93 22.19 2.47
CA ARG A 46 -6.18 21.43 2.43
C ARG A 46 -5.94 19.94 2.69
N ASN A 47 -4.92 19.36 2.03
CA ASN A 47 -4.58 17.96 2.25
C ASN A 47 -4.05 17.71 3.66
N LEU A 48 -3.27 18.65 4.22
CA LEU A 48 -2.82 18.48 5.60
C LEU A 48 -3.99 18.45 6.56
N LEU A 49 -4.95 19.37 6.39
CA LEU A 49 -6.13 19.38 7.25
C LEU A 49 -6.90 18.08 7.14
N SER A 50 -7.11 17.62 5.90
CA SER A 50 -7.89 16.40 5.67
C SER A 50 -7.20 15.18 6.26
N VAL A 51 -5.90 15.02 5.99
CA VAL A 51 -5.12 13.92 6.58
C VAL A 51 -5.19 13.96 8.11
N ALA A 52 -5.00 15.15 8.69
CA ALA A 52 -4.96 15.22 10.15
C ALA A 52 -6.27 14.71 10.76
N TYR A 53 -7.39 15.25 10.30
CA TYR A 53 -8.65 14.89 10.92
C TYR A 53 -9.06 13.48 10.54
N LYS A 54 -8.72 13.04 9.32
CA LYS A 54 -8.96 11.65 8.96
C LYS A 54 -8.32 10.71 9.97
N ASN A 55 -7.09 11.02 10.41
CA ASN A 55 -6.42 10.15 11.35
C ASN A 55 -6.94 10.31 12.78
N VAL A 56 -7.27 11.54 13.17
CA VAL A 56 -7.83 11.81 14.50
C VAL A 56 -9.17 11.08 14.68
N VAL A 57 -10.09 11.27 13.73
CA VAL A 57 -11.39 10.61 13.86
C VAL A 57 -11.24 9.10 13.61
N GLY A 58 -10.27 8.70 12.77
CA GLY A 58 -10.08 7.29 12.48
C GLY A 58 -9.66 6.47 13.67
N ALA A 59 -8.81 7.03 14.55
CA ALA A 59 -8.43 6.30 15.75
C ALA A 59 -9.63 6.05 16.66
N ARG A 60 -10.51 7.04 16.79
CA ARG A 60 -11.71 6.88 17.60
C ARG A 60 -12.70 5.94 16.94
N ARG A 61 -12.87 6.01 15.63
CA ARG A 61 -13.74 5.05 14.95
C ARG A 61 -13.24 3.62 15.17
N SER A 62 -11.93 3.41 15.11
CA SER A 62 -11.42 2.07 15.33
C SER A 62 -11.68 1.61 16.76
N SER A 63 -11.37 2.46 17.75
CA SER A 63 -11.63 2.10 19.15
C SER A 63 -13.10 1.84 19.36
N TRP A 64 -13.95 2.65 18.74
CA TRP A 64 -15.38 2.46 18.91
C TRP A 64 -15.80 1.11 18.38
N ARG A 65 -15.29 0.72 17.21
CA ARG A 65 -15.69 -0.57 16.65
C ARG A 65 -15.23 -1.71 17.54
N VAL A 66 -14.05 -1.57 18.15
CA VAL A 66 -13.53 -2.64 19.00
C VAL A 66 -14.36 -2.77 20.27
N ILE A 67 -14.57 -1.63 20.96
CA ILE A 67 -15.32 -1.65 22.21
C ILE A 67 -16.77 -2.05 21.96
N SER A 68 -17.37 -1.57 20.86
CA SER A 68 -18.71 -2.03 20.49
C SER A 68 -18.77 -3.54 20.33
N SER A 69 -17.79 -4.09 19.61
CA SER A 69 -17.72 -5.53 19.40
C SER A 69 -17.66 -6.28 20.73
N ILE A 70 -16.74 -5.87 21.59
CA ILE A 70 -16.57 -6.54 22.88
C ILE A 70 -17.86 -6.44 23.70
N GLU A 71 -18.43 -5.24 23.74
CA GLU A 71 -19.70 -5.02 24.45
C GLU A 71 -20.77 -5.95 23.92
N GLN A 72 -20.93 -6.02 22.59
CA GLN A 72 -22.02 -6.81 22.00
C GLN A 72 -21.84 -8.31 22.22
N LYS A 73 -20.59 -8.79 22.23
CA LYS A 73 -20.32 -10.21 22.38
C LYS A 73 -20.18 -10.66 23.83
N THR A 74 -20.28 -9.75 24.79
CA THR A 74 -20.14 -10.07 26.20
C THR A 74 -21.40 -10.77 26.68
N GLU A 75 -21.29 -12.04 27.01
CA GLU A 75 -22.37 -12.81 27.59
C GLU A 75 -22.00 -13.19 29.02
N ARG A 76 -23.02 -13.24 29.88
CA ARG A 76 -22.86 -13.75 31.25
CA ARG A 76 -22.86 -13.74 31.24
C ARG A 76 -21.83 -12.94 32.03
N ASN A 77 -21.92 -11.61 31.92
CA ASN A 77 -21.04 -10.72 32.68
C ASN A 77 -21.57 -9.29 32.64
N GLU A 78 -22.57 -8.97 33.46
CA GLU A 78 -23.22 -7.68 33.36
C GLU A 78 -22.28 -6.53 33.72
N LYS A 79 -21.29 -6.79 34.58
CA LYS A 79 -20.38 -5.72 34.97
C LYS A 79 -19.44 -5.35 33.83
N LYS A 80 -18.91 -6.33 33.11
CA LYS A 80 -18.09 -6.02 31.95
C LYS A 80 -18.94 -5.37 30.86
N GLN A 81 -20.17 -5.86 30.69
CA GLN A 81 -21.07 -5.33 29.68
C GLN A 81 -21.35 -3.85 29.92
N GLN A 82 -21.68 -3.50 31.17
CA GLN A 82 -21.96 -2.11 31.51
C GLN A 82 -20.71 -1.25 31.42
N MET A 83 -19.54 -1.80 31.75
CA MET A 83 -18.32 -1.01 31.60
C MET A 83 -18.02 -0.77 30.13
N GLY A 84 -18.28 -1.77 29.28
CA GLY A 84 -18.14 -1.58 27.85
C GLY A 84 -19.07 -0.52 27.32
N LYS A 85 -20.33 -0.51 27.78
CA LYS A 85 -21.27 0.54 27.39
C LYS A 85 -20.75 1.92 27.75
N GLU A 86 -20.29 2.09 28.99
CA GLU A 86 -19.82 3.40 29.42
C GLU A 86 -18.54 3.81 28.70
N TYR A 87 -17.66 2.86 28.40
CA TYR A 87 -16.45 3.18 27.64
C TYR A 87 -16.81 3.61 26.23
N ARG A 88 -17.68 2.84 25.57
CA ARG A 88 -18.18 3.24 24.26
C ARG A 88 -18.74 4.66 24.27
N GLU A 89 -19.52 5.01 25.30
CA GLU A 89 -20.12 6.34 25.32
C GLU A 89 -19.07 7.43 25.46
N LYS A 90 -17.97 7.16 26.16
CA LYS A 90 -16.86 8.12 26.21
C LYS A 90 -16.24 8.29 24.84
N ILE A 91 -16.00 7.19 24.13
CA ILE A 91 -15.42 7.26 22.79
C ILE A 91 -16.38 7.98 21.84
N GLU A 92 -17.68 7.69 21.94
CA GLU A 92 -18.66 8.40 21.14
C GLU A 92 -18.60 9.90 21.39
N ALA A 93 -18.47 10.33 22.65
CA ALA A 93 -18.41 11.76 22.92
C ALA A 93 -17.18 12.41 22.31
N GLU A 94 -16.02 11.73 22.36
CA GLU A 94 -14.84 12.25 21.67
C GLU A 94 -15.07 12.31 20.17
N LEU A 95 -15.65 11.25 19.60
CA LEU A 95 -15.91 11.23 18.18
C LEU A 95 -16.86 12.34 17.77
N GLN A 96 -17.88 12.63 18.60
CA GLN A 96 -18.81 13.70 18.27
C GLN A 96 -18.16 15.07 18.37
N ASP A 97 -17.23 15.26 19.32
CA ASP A 97 -16.50 16.52 19.41
C ASP A 97 -15.60 16.74 18.20
N ILE A 98 -14.92 15.68 17.74
CA ILE A 98 -14.06 15.80 16.56
C ILE A 98 -14.89 16.16 15.34
N CYS A 99 -15.97 15.40 15.12
CA CYS A 99 -16.81 15.67 13.95
C CYS A 99 -17.42 17.07 14.03
N ASN A 100 -17.81 17.51 15.24
CA ASN A 100 -18.36 18.84 15.40
C ASN A 100 -17.35 19.91 14.98
N ASP A 101 -16.09 19.77 15.43
CA ASP A 101 -15.04 20.71 15.05
C ASP A 101 -14.90 20.80 13.53
N VAL A 102 -14.86 19.65 12.85
CA VAL A 102 -14.64 19.65 11.41
C VAL A 102 -15.81 20.33 10.70
N LEU A 103 -17.04 19.96 11.08
CA LEU A 103 -18.23 20.52 10.47
C LEU A 103 -18.30 22.03 10.70
N GLU A 104 -17.83 22.49 11.86
CA GLU A 104 -17.81 23.92 12.16
C GLU A 104 -16.83 24.64 11.24
N LEU A 105 -15.63 24.06 11.05
CA LEU A 105 -14.67 24.62 10.09
C LEU A 105 -15.25 24.65 8.70
N LEU A 106 -15.94 23.59 8.29
CA LEU A 106 -16.51 23.53 6.95
C LEU A 106 -17.55 24.62 6.75
N ASP A 107 -18.45 24.79 7.73
CA ASP A 107 -19.55 25.74 7.56
C ASP A 107 -19.07 27.18 7.69
N LYS A 108 -18.07 27.41 8.53
CA LYS A 108 -17.65 28.76 8.83
C LYS A 108 -16.58 29.28 7.87
N TYR A 109 -15.67 28.43 7.41
CA TYR A 109 -14.50 28.88 6.66
C TYR A 109 -14.39 28.24 5.28
N LEU A 110 -14.39 26.91 5.21
CA LEU A 110 -13.91 26.22 4.02
C LEU A 110 -14.92 26.30 2.89
N ILE A 111 -16.17 25.94 3.17
CA ILE A 111 -17.19 25.93 2.13
C ILE A 111 -17.50 27.37 1.70
N PRO A 112 -17.68 28.34 2.60
CA PRO A 112 -17.96 29.71 2.11
C PRO A 112 -16.82 30.32 1.29
N ASN A 113 -15.57 29.94 1.52
CA ASN A 113 -14.46 30.51 0.76
C ASN A 113 -14.15 29.74 -0.53
N ALA A 114 -14.84 28.64 -0.79
CA ALA A 114 -14.54 27.81 -1.95
C ALA A 114 -15.25 28.38 -3.18
N THR A 115 -14.48 28.89 -4.14
CA THR A 115 -15.06 29.44 -5.36
C THR A 115 -14.97 28.48 -6.54
N GLN A 116 -13.95 27.64 -6.58
CA GLN A 116 -13.79 26.77 -7.75
C GLN A 116 -14.56 25.46 -7.54
N PRO A 117 -15.17 24.93 -8.62
CA PRO A 117 -15.94 23.68 -8.49
C PRO A 117 -15.18 22.59 -7.77
N GLU A 118 -13.89 22.46 -8.05
CA GLU A 118 -13.07 21.42 -7.44
C GLU A 118 -13.03 21.55 -5.92
N SER A 119 -12.83 22.77 -5.42
CA SER A 119 -12.80 23.00 -3.98
C SER A 119 -14.16 22.76 -3.35
N LYS A 120 -15.22 23.25 -3.98
CA LYS A 120 -16.58 23.00 -3.50
C LYS A 120 -16.83 21.52 -3.32
N VAL A 121 -16.47 20.71 -4.33
CA VAL A 121 -16.71 19.28 -4.26
C VAL A 121 -15.87 18.66 -3.16
N PHE A 122 -14.60 19.06 -3.06
CA PHE A 122 -13.74 18.51 -2.03
C PHE A 122 -14.35 18.73 -0.64
N TYR A 123 -14.81 19.95 -0.38
CA TYR A 123 -15.28 20.25 0.98
C TYR A 123 -16.70 19.71 1.23
N LEU A 124 -17.56 19.70 0.20
CA LEU A 124 -18.87 19.09 0.37
C LEU A 124 -18.76 17.59 0.62
N LYS A 125 -17.83 16.93 -0.09
CA LYS A 125 -17.53 15.53 0.18
C LYS A 125 -17.12 15.35 1.64
N MET A 126 -16.21 16.20 2.12
CA MET A 126 -15.78 16.14 3.51
C MET A 126 -16.96 16.30 4.47
N LYS A 127 -17.88 17.22 4.15
CA LYS A 127 -19.07 17.39 4.99
C LYS A 127 -19.91 16.13 4.98
N GLY A 128 -20.09 15.51 3.81
CA GLY A 128 -20.75 14.22 3.74
C GLY A 128 -20.05 13.17 4.57
N ASP A 129 -18.71 13.12 4.52
CA ASP A 129 -17.95 12.12 5.26
C ASP A 129 -18.15 12.25 6.76
N TYR A 130 -18.04 13.47 7.29
CA TYR A 130 -18.08 13.63 8.74
C TYR A 130 -19.50 13.50 9.29
N PHE A 131 -20.53 13.91 8.53
CA PHE A 131 -21.87 13.51 8.92
C PHE A 131 -22.05 12.00 8.82
N ARG A 132 -21.40 11.35 7.84
CA ARG A 132 -21.44 9.88 7.81
C ARG A 132 -20.82 9.26 9.07
N TYR A 133 -19.69 9.79 9.54
CA TYR A 133 -19.07 9.24 10.75
C TYR A 133 -19.97 9.45 11.98
N LEU A 134 -20.62 10.61 12.08
CA LEU A 134 -21.63 10.78 13.13
C LEU A 134 -22.74 9.74 13.01
N SER A 135 -23.18 9.45 11.78
CA SER A 135 -24.25 8.47 11.61
CA SER A 135 -24.25 8.46 11.59
C SER A 135 -23.83 7.05 12.00
N GLU A 136 -22.52 6.76 12.02
CA GLU A 136 -22.09 5.42 12.39
C GLU A 136 -22.42 5.10 13.84
N VAL A 137 -22.51 6.12 14.70
CA VAL A 137 -22.75 5.92 16.11
C VAL A 137 -24.06 6.52 16.60
N ALA A 138 -24.77 7.28 15.77
CA ALA A 138 -25.96 7.99 16.21
C ALA A 138 -27.15 7.03 16.34
N SER A 139 -28.16 7.47 17.09
CA SER A 139 -29.42 6.74 17.18
C SER A 139 -30.59 7.72 17.19
N GLY A 140 -31.78 7.20 16.86
CA GLY A 140 -33.00 7.99 17.00
C GLY A 140 -33.04 9.20 16.08
N ASP A 141 -33.51 10.33 16.63
CA ASP A 141 -33.69 11.55 15.84
C ASP A 141 -32.36 12.15 15.40
N ASN A 142 -31.33 12.05 16.26
CA ASN A 142 -29.99 12.46 15.85
C ASN A 142 -29.57 11.73 14.58
N LYS A 143 -29.81 10.42 14.56
CA LYS A 143 -29.45 9.60 13.41
C LYS A 143 -30.13 10.09 12.14
N GLN A 144 -31.44 10.32 12.19
CA GLN A 144 -32.16 10.87 11.03
C GLN A 144 -31.53 12.16 10.54
N THR A 145 -31.15 13.04 11.47
CA THR A 145 -30.53 14.31 11.09
C THR A 145 -29.16 14.11 10.43
N THR A 146 -28.33 13.24 11.00
CA THR A 146 -26.98 13.09 10.45
C THR A 146 -27.01 12.36 9.10
N VAL A 147 -27.89 11.36 8.94
CA VAL A 147 -27.96 10.64 7.67
C VAL A 147 -28.48 11.56 6.56
N SER A 148 -29.51 12.33 6.85
CA SER A 148 -30.05 13.29 5.88
C SER A 148 -29.02 14.36 5.53
N ASN A 149 -28.29 14.87 6.52
CA ASN A 149 -27.28 15.89 6.22
C ASN A 149 -26.11 15.29 5.44
N SER A 150 -25.73 14.04 5.77
CA SER A 150 -24.68 13.37 4.98
C SER A 150 -25.11 13.23 3.53
N GLN A 151 -26.31 12.72 3.30
CA GLN A 151 -26.82 12.54 1.94
C GLN A 151 -26.87 13.86 1.20
N GLN A 152 -27.38 14.91 1.85
CA GLN A 152 -27.50 16.23 1.22
C GLN A 152 -26.16 16.74 0.72
N ALA A 153 -25.12 16.62 1.56
CA ALA A 153 -23.81 17.12 1.18
C ALA A 153 -23.22 16.30 0.03
N TYR A 154 -23.34 14.98 0.11
CA TYR A 154 -22.80 14.13 -0.95
C TYR A 154 -23.51 14.41 -2.28
N GLN A 155 -24.83 14.52 -2.24
CA GLN A 155 -25.60 14.74 -3.46
C GLN A 155 -25.29 16.09 -4.07
N GLU A 156 -25.12 17.12 -3.23
CA GLU A 156 -24.71 18.43 -3.75
C GLU A 156 -23.33 18.37 -4.40
N ALA A 157 -22.37 17.68 -3.77
CA ALA A 157 -21.04 17.52 -4.37
C ALA A 157 -21.13 16.72 -5.66
N PHE A 158 -21.99 15.71 -5.68
CA PHE A 158 -22.11 14.80 -6.82
C PHE A 158 -22.58 15.54 -8.07
N GLU A 159 -23.57 16.40 -7.90
CA GLU A 159 -24.11 17.13 -9.04
C GLU A 159 -23.12 18.18 -9.56
N ILE A 160 -22.39 18.84 -8.67
CA ILE A 160 -21.35 19.75 -9.12
C ILE A 160 -20.26 18.99 -9.88
N SER A 161 -19.78 17.88 -9.29
CA SER A 161 -18.68 17.16 -9.93
C SER A 161 -19.11 16.58 -11.27
N LYS A 162 -20.39 16.20 -11.42
CA LYS A 162 -20.89 15.71 -12.70
C LYS A 162 -20.84 16.79 -13.77
N LYS A 163 -21.12 18.04 -13.39
CA LYS A 163 -21.19 19.13 -14.36
C LYS A 163 -19.82 19.71 -14.69
N GLU A 164 -18.89 19.73 -13.75
CA GLU A 164 -17.70 20.56 -13.86
C GLU A 164 -16.38 19.81 -13.86
N MET A 165 -16.36 18.52 -13.58
CA MET A 165 -15.11 17.80 -13.47
C MET A 165 -15.12 16.59 -14.39
N GLN A 166 -13.94 16.22 -14.85
CA GLN A 166 -13.81 15.05 -15.70
C GLN A 166 -13.97 13.77 -14.88
N PRO A 167 -14.46 12.71 -15.51
CA PRO A 167 -14.70 11.44 -14.79
C PRO A 167 -13.44 10.82 -14.20
N THR A 168 -12.26 11.17 -14.70
CA THR A 168 -11.01 10.67 -14.18
C THR A 168 -10.46 11.54 -13.05
N HIS A 169 -11.10 12.65 -12.73
CA HIS A 169 -10.59 13.49 -11.65
C HIS A 169 -10.62 12.70 -10.34
N PRO A 170 -9.51 12.65 -9.61
CA PRO A 170 -9.50 11.89 -8.35
C PRO A 170 -10.50 12.40 -7.33
N ILE A 171 -10.81 13.68 -7.31
CA ILE A 171 -11.80 14.16 -6.34
C ILE A 171 -13.18 13.65 -6.70
N ARG A 172 -13.51 13.66 -8.00
CA ARG A 172 -14.79 13.10 -8.45
C ARG A 172 -14.86 11.61 -8.16
N LEU A 173 -13.77 10.88 -8.41
CA LEU A 173 -13.76 9.45 -8.14
C LEU A 173 -13.85 9.15 -6.64
N GLY A 174 -13.17 9.96 -5.82
CA GLY A 174 -13.23 9.74 -4.38
C GLY A 174 -14.60 10.00 -3.79
N LEU A 175 -15.29 11.01 -4.32
CA LEU A 175 -16.66 11.26 -3.91
C LEU A 175 -17.57 10.09 -4.28
N ALA A 176 -17.42 9.56 -5.50
CA ALA A 176 -18.26 8.42 -5.86
C ALA A 176 -17.98 7.25 -4.94
N LEU A 177 -16.71 7.01 -4.59
CA LEU A 177 -16.39 5.91 -3.69
C LEU A 177 -17.08 6.11 -2.34
N ASN A 178 -16.90 7.27 -1.74
CA ASN A 178 -17.46 7.49 -0.40
C ASN A 178 -18.98 7.55 -0.42
N PHE A 179 -19.55 8.15 -1.46
CA PHE A 179 -21.00 8.19 -1.60
C PHE A 179 -21.58 6.77 -1.75
N SER A 180 -20.89 5.90 -2.49
CA SER A 180 -21.37 4.52 -2.59
C SER A 180 -21.25 3.80 -1.25
N VAL A 181 -20.17 4.06 -0.51
CA VAL A 181 -20.04 3.51 0.83
C VAL A 181 -21.18 3.97 1.71
N PHE A 182 -21.55 5.26 1.62
CA PHE A 182 -22.69 5.78 2.37
C PHE A 182 -23.97 5.00 2.05
N TYR A 183 -24.26 4.80 0.76
CA TYR A 183 -25.41 3.99 0.38
C TYR A 183 -25.32 2.58 0.93
N TYR A 184 -24.13 1.99 0.85
CA TYR A 184 -24.01 0.59 1.25
C TYR A 184 -24.14 0.43 2.77
N GLU A 185 -23.33 1.17 3.52
CA GLU A 185 -23.18 0.95 4.96
C GLU A 185 -24.16 1.74 5.82
N ILE A 186 -24.56 2.95 5.40
CA ILE A 186 -25.48 3.76 6.20
C ILE A 186 -26.93 3.52 5.79
N LEU A 187 -27.23 3.55 4.49
CA LEU A 187 -28.60 3.37 4.01
C LEU A 187 -28.96 1.94 3.71
N ASN A 188 -28.04 0.99 3.87
CA ASN A 188 -28.28 -0.43 3.57
C ASN A 188 -28.93 -0.61 2.20
N SER A 189 -28.40 0.09 1.21
CA SER A 189 -28.90 0.05 -0.17
C SER A 189 -27.80 -0.46 -1.09
N PRO A 190 -27.59 -1.77 -1.15
CA PRO A 190 -26.47 -2.28 -1.97
C PRO A 190 -26.65 -1.98 -3.44
N GLU A 191 -27.89 -1.94 -3.92
CA GLU A 191 -28.15 -1.71 -5.34
C GLU A 191 -27.75 -0.29 -5.73
N LYS A 192 -28.16 0.69 -4.93
CA LYS A 192 -27.72 2.06 -5.20
C LYS A 192 -26.21 2.17 -5.10
N ALA A 193 -25.60 1.52 -4.10
CA ALA A 193 -24.16 1.59 -3.94
C ALA A 193 -23.44 0.99 -5.14
N CYS A 194 -23.91 -0.17 -5.61
CA CYS A 194 -23.27 -0.80 -6.76
C CYS A 194 -23.43 0.03 -8.04
N SER A 195 -24.60 0.61 -8.25
CA SER A 195 -24.80 1.42 -9.46
C SER A 195 -23.90 2.64 -9.44
N LEU A 196 -23.77 3.28 -8.28
CA LEU A 196 -22.91 4.45 -8.19
C LEU A 196 -21.47 4.09 -8.49
N ALA A 197 -20.95 3.05 -7.83
CA ALA A 197 -19.55 2.67 -8.00
C ALA A 197 -19.28 2.19 -9.43
N LYS A 198 -20.21 1.41 -9.99
CA LYS A 198 -20.02 0.89 -11.34
C LYS A 198 -20.04 2.01 -12.38
N THR A 199 -20.95 2.98 -12.23
CA THR A 199 -21.01 4.07 -13.20
C THR A 199 -19.76 4.95 -13.12
N ALA A 200 -19.31 5.25 -11.91
CA ALA A 200 -18.10 6.08 -11.78
C ALA A 200 -16.89 5.37 -12.35
N PHE A 201 -16.79 4.06 -12.14
CA PHE A 201 -15.67 3.29 -12.71
C PHE A 201 -15.73 3.30 -14.24
N ASP A 202 -16.88 2.93 -14.80
CA ASP A 202 -17.00 2.81 -16.24
C ASP A 202 -16.73 4.13 -16.94
N GLU A 203 -17.24 5.23 -16.39
CA GLU A 203 -17.00 6.55 -17.00
C GLU A 203 -15.54 6.94 -16.90
N ALA A 204 -14.85 6.56 -15.82
CA ALA A 204 -13.43 6.82 -15.72
C ALA A 204 -12.64 6.01 -16.75
N ILE A 205 -12.97 4.72 -16.88
CA ILE A 205 -12.24 3.84 -17.80
C ILE A 205 -12.42 4.29 -19.24
N ALA A 206 -13.63 4.70 -19.62
CA ALA A 206 -13.86 5.15 -20.99
C ALA A 206 -13.03 6.38 -21.32
N GLU A 207 -12.79 7.25 -20.34
CA GLU A 207 -11.95 8.41 -20.61
C GLU A 207 -10.48 8.05 -20.51
N LEU A 208 -10.10 7.25 -19.52
CA LEU A 208 -8.70 6.87 -19.34
C LEU A 208 -8.15 6.13 -20.55
N ASP A 209 -9.00 5.37 -21.24
CA ASP A 209 -8.52 4.66 -22.42
C ASP A 209 -8.03 5.62 -23.50
N THR A 210 -8.48 6.87 -23.49
CA THR A 210 -8.01 7.82 -24.49
C THR A 210 -6.69 8.47 -24.10
N LEU A 211 -6.19 8.23 -22.88
CA LEU A 211 -5.06 8.95 -22.29
C LEU A 211 -3.93 8.02 -21.91
N ASN A 212 -2.78 8.61 -21.58
CA ASN A 212 -1.66 7.87 -20.99
C ASN A 212 -1.87 7.84 -19.48
N GLU A 213 -2.04 6.64 -18.93
CA GLU A 213 -2.40 6.45 -17.52
C GLU A 213 -1.28 6.85 -16.58
N GLU A 214 -0.05 7.00 -17.08
CA GLU A 214 1.09 7.30 -16.22
C GLU A 214 0.85 8.54 -15.38
N SER A 215 0.13 9.52 -15.92
CA SER A 215 -0.16 10.77 -15.23
C SER A 215 -1.41 10.69 -14.36
N TYR A 216 -2.06 9.54 -14.30
CA TYR A 216 -3.32 9.38 -13.57
C TYR A 216 -3.24 8.30 -12.52
N LYS A 217 -2.08 8.18 -11.86
CA LYS A 217 -1.90 7.13 -10.87
C LYS A 217 -2.86 7.28 -9.69
N ASP A 218 -3.20 8.52 -9.32
CA ASP A 218 -4.13 8.72 -8.20
C ASP A 218 -5.54 8.28 -8.58
N SER A 219 -5.93 8.51 -9.84
CA SER A 219 -7.23 8.05 -10.33
C SER A 219 -7.31 6.53 -10.36
N THR A 220 -6.28 5.87 -10.91
CA THR A 220 -6.36 4.42 -11.05
C THR A 220 -6.38 3.73 -9.71
N LEU A 221 -5.73 4.31 -8.70
CA LEU A 221 -5.79 3.75 -7.35
C LEU A 221 -7.22 3.75 -6.83
N ILE A 222 -7.91 4.89 -6.97
CA ILE A 222 -9.31 4.98 -6.54
C ILE A 222 -10.19 4.07 -7.39
N MET A 223 -9.92 4.01 -8.70
CA MET A 223 -10.69 3.10 -9.56
C MET A 223 -10.57 1.65 -9.09
N GLN A 224 -9.37 1.25 -8.66
CA GLN A 224 -9.21 -0.10 -8.10
C GLN A 224 -10.05 -0.30 -6.84
N LEU A 225 -10.10 0.72 -5.97
CA LEU A 225 -10.94 0.62 -4.79
C LEU A 225 -12.40 0.49 -5.17
N LEU A 226 -12.84 1.22 -6.20
CA LEU A 226 -14.22 1.08 -6.64
C LEU A 226 -14.48 -0.34 -7.13
N ARG A 227 -13.57 -0.87 -7.94
CA ARG A 227 -13.74 -2.23 -8.45
C ARG A 227 -13.73 -3.24 -7.32
N ASP A 228 -12.84 -3.06 -6.34
CA ASP A 228 -12.77 -3.97 -5.20
C ASP A 228 -14.07 -4.00 -4.42
N ASN A 229 -14.69 -2.83 -4.20
CA ASN A 229 -15.96 -2.82 -3.48
C ASN A 229 -17.04 -3.48 -4.30
N LEU A 230 -17.05 -3.22 -5.61
CA LEU A 230 -18.09 -3.76 -6.48
C LEU A 230 -18.04 -5.29 -6.52
N THR A 231 -16.83 -5.86 -6.57
CA THR A 231 -16.73 -7.32 -6.60
C THR A 231 -17.16 -7.91 -5.26
N LEU A 232 -16.77 -7.29 -4.16
CA LEU A 232 -17.19 -7.77 -2.85
C LEU A 232 -18.71 -7.65 -2.67
N TRP A 233 -19.29 -6.52 -3.09
CA TRP A 233 -20.72 -6.30 -2.88
C TRP A 233 -21.59 -7.16 -3.79
N THR A 234 -21.09 -7.56 -4.96
CA THR A 234 -21.92 -8.38 -5.85
C THR A 234 -21.87 -9.85 -5.43
N SER A 235 -20.72 -10.50 -5.65
CA SER A 235 -20.42 -11.86 -5.17
C SER A 235 -21.62 -12.80 -5.05
N MET B 1 -17.75 8.14 37.57
CA MET B 1 -17.20 7.82 38.88
C MET B 1 -15.74 8.24 38.98
N GLY B 2 -14.83 7.29 39.15
CA GLY B 2 -13.43 7.64 39.23
C GLY B 2 -12.56 6.56 39.83
N SER B 3 -11.26 6.60 39.52
CA SER B 3 -10.37 5.52 39.95
C SER B 3 -10.32 5.38 41.47
N MET B 4 -10.56 6.45 42.21
CA MET B 4 -10.46 6.36 43.66
C MET B 4 -11.70 5.73 44.31
N THR B 5 -12.73 5.39 43.53
CA THR B 5 -13.88 4.65 44.04
C THR B 5 -14.09 3.33 43.31
N MET B 6 -13.04 2.80 42.68
CA MET B 6 -13.10 1.54 41.96
C MET B 6 -12.23 0.52 42.67
N ASP B 7 -12.65 -0.73 42.66
CA ASP B 7 -11.75 -1.72 43.23
C ASP B 7 -10.84 -2.27 42.15
N LYS B 8 -9.85 -3.04 42.57
CA LYS B 8 -8.77 -3.48 41.70
C LYS B 8 -9.31 -4.21 40.48
N SER B 9 -10.26 -5.12 40.68
CA SER B 9 -10.75 -5.94 39.58
C SER B 9 -11.44 -5.08 38.52
N GLU B 10 -12.09 -3.99 38.94
CA GLU B 10 -12.71 -3.08 37.98
C GLU B 10 -11.65 -2.34 37.16
N LEU B 11 -10.58 -1.89 37.83
CA LEU B 11 -9.53 -1.17 37.10
C LEU B 11 -8.81 -2.10 36.14
N VAL B 12 -8.63 -3.36 36.52
CA VAL B 12 -8.00 -4.32 35.62
C VAL B 12 -8.90 -4.57 34.41
N GLN B 13 -10.21 -4.69 34.63
CA GLN B 13 -11.11 -4.85 33.48
C GLN B 13 -11.04 -3.64 32.57
N LYS B 14 -10.97 -2.44 33.14
CA LYS B 14 -10.82 -1.22 32.35
C LYS B 14 -9.51 -1.23 31.56
N ALA B 15 -8.40 -1.61 32.20
CA ALA B 15 -7.14 -1.68 31.46
C ALA B 15 -7.24 -2.62 30.26
N LYS B 16 -7.88 -3.78 30.43
CA LYS B 16 -7.97 -4.76 29.35
C LYS B 16 -8.81 -4.24 28.18
N LEU B 17 -9.90 -3.52 28.49
CA LEU B 17 -10.68 -2.89 27.42
C LEU B 17 -9.86 -1.84 26.70
N ALA B 18 -9.15 -1.00 27.46
CA ALA B 18 -8.33 0.04 26.87
C ALA B 18 -7.25 -0.56 25.98
N GLU B 19 -6.63 -1.67 26.43
CA GLU B 19 -5.64 -2.35 25.60
C GLU B 19 -6.23 -2.73 24.26
N GLN B 20 -7.40 -3.39 24.28
CA GLN B 20 -8.00 -3.86 23.04
C GLN B 20 -8.36 -2.71 22.12
N ALA B 21 -8.75 -1.57 22.70
CA ALA B 21 -9.09 -0.37 21.93
C ALA B 21 -7.88 0.45 21.53
N GLU B 22 -6.67 0.02 21.89
CA GLU B 22 -5.42 0.73 21.62
C GLU B 22 -5.46 2.14 22.18
N ARG B 23 -6.06 2.27 23.36
CA ARG B 23 -6.07 3.52 24.10
C ARG B 23 -5.10 3.32 25.27
N TYR B 24 -3.82 3.45 24.96
CA TYR B 24 -2.79 3.06 25.92
C TYR B 24 -2.65 4.07 27.04
N ASP B 25 -2.96 5.34 26.80
CA ASP B 25 -2.99 6.32 27.88
C ASP B 25 -4.01 5.94 28.95
N ASP B 26 -5.23 5.57 28.50
CA ASP B 26 -6.27 5.08 29.41
C ASP B 26 -5.78 3.84 30.16
N MET B 27 -5.13 2.92 29.44
CA MET B 27 -4.68 1.67 30.05
C MET B 27 -3.65 1.92 31.14
N ALA B 28 -2.71 2.83 30.87
CA ALA B 28 -1.72 3.20 31.87
C ALA B 28 -2.36 3.88 33.08
N ALA B 29 -3.34 4.75 32.86
CA ALA B 29 -3.98 5.43 33.98
C ALA B 29 -4.69 4.42 34.89
N ALA B 30 -5.32 3.41 34.30
CA ALA B 30 -5.99 2.40 35.10
C ALA B 30 -5.00 1.57 35.91
N MET B 31 -3.91 1.12 35.27
CA MET B 31 -2.92 0.29 35.96
C MET B 31 -2.11 1.09 36.97
N LYS B 32 -1.88 2.39 36.71
CA LYS B 32 -1.26 3.26 37.70
C LYS B 32 -2.10 3.30 38.98
N ALA B 33 -3.42 3.44 38.82
CA ALA B 33 -4.32 3.42 39.97
C ALA B 33 -4.28 2.08 40.68
N VAL B 34 -4.21 0.98 39.92
CA VAL B 34 -4.09 -0.34 40.56
C VAL B 34 -2.83 -0.39 41.42
N THR B 35 -1.71 0.06 40.85
CA THR B 35 -0.43 0.01 41.55
C THR B 35 -0.46 0.87 42.81
N GLU B 36 -1.10 2.04 42.73
CA GLU B 36 -1.17 2.98 43.85
C GLU B 36 -2.07 2.48 44.99
N GLN B 37 -2.86 1.44 44.77
CA GLN B 37 -3.57 0.82 45.89
C GLN B 37 -2.63 0.06 46.83
N GLY B 38 -1.40 -0.20 46.42
CA GLY B 38 -0.34 -0.59 47.34
C GLY B 38 -0.09 -2.07 47.46
N HIS B 39 -0.89 -2.90 46.81
CA HIS B 39 -0.72 -4.33 46.92
C HIS B 39 0.20 -4.85 45.81
N GLU B 40 0.97 -5.88 46.13
CA GLU B 40 1.84 -6.50 45.14
C GLU B 40 1.03 -6.96 43.93
N LEU B 41 1.52 -6.63 42.74
CA LEU B 41 0.79 -6.95 41.50
C LEU B 41 0.90 -8.44 41.17
N SER B 42 -0.20 -9.02 40.69
CA SER B 42 -0.12 -10.35 40.08
C SER B 42 0.67 -10.29 38.78
N ASN B 43 1.01 -11.47 38.25
CA ASN B 43 1.69 -11.51 36.94
C ASN B 43 0.87 -10.84 35.85
N GLU B 44 -0.45 -11.10 35.84
CA GLU B 44 -1.32 -10.48 34.84
C GLU B 44 -1.34 -8.96 34.99
N GLU B 45 -1.44 -8.47 36.23
CA GLU B 45 -1.43 -7.03 36.45
C GLU B 45 -0.09 -6.43 36.09
N ARG B 46 1.01 -7.12 36.40
CA ARG B 46 2.32 -6.59 36.02
C ARG B 46 2.46 -6.54 34.51
N ASN B 47 1.93 -7.53 33.79
CA ASN B 47 1.95 -7.49 32.33
C ASN B 47 1.16 -6.30 31.79
N LEU B 48 -0.04 -6.07 32.35
CA LEU B 48 -0.86 -4.96 31.90
C LEU B 48 -0.18 -3.63 32.15
N LEU B 49 0.42 -3.47 33.33
CA LEU B 49 1.09 -2.21 33.65
C LEU B 49 2.26 -1.96 32.70
N SER B 50 3.08 -2.99 32.50
CA SER B 50 4.29 -2.81 31.71
CA SER B 50 4.29 -2.83 31.70
C SER B 50 3.96 -2.57 30.24
N VAL B 51 2.96 -3.29 29.70
CA VAL B 51 2.56 -3.10 28.31
C VAL B 51 2.01 -1.70 28.10
N ALA B 52 1.19 -1.23 29.04
CA ALA B 52 0.62 0.11 28.91
C ALA B 52 1.72 1.16 28.82
N TYR B 53 2.68 1.10 29.75
CA TYR B 53 3.68 2.15 29.78
C TYR B 53 4.69 2.00 28.65
N LYS B 54 4.95 0.76 28.22
CA LYS B 54 5.81 0.55 27.06
C LYS B 54 5.24 1.25 25.83
N ASN B 55 3.92 1.20 25.66
CA ASN B 55 3.31 1.83 24.51
C ASN B 55 3.20 3.33 24.69
N VAL B 56 2.90 3.79 25.91
CA VAL B 56 2.80 5.23 26.17
C VAL B 56 4.16 5.91 25.95
N VAL B 57 5.20 5.38 26.59
CA VAL B 57 6.53 5.96 26.39
C VAL B 57 7.05 5.66 24.99
N GLY B 58 6.70 4.50 24.43
CA GLY B 58 7.21 4.13 23.12
C GLY B 58 6.80 5.07 22.02
N ALA B 59 5.54 5.56 22.07
CA ALA B 59 5.09 6.53 21.06
C ALA B 59 5.90 7.81 21.12
N ARG B 60 6.29 8.25 22.33
CA ARG B 60 7.09 9.47 22.44
C ARG B 60 8.53 9.24 22.00
N ARG B 61 9.10 8.10 22.38
CA ARG B 61 10.48 7.83 21.94
C ARG B 61 10.55 7.80 20.43
N SER B 62 9.55 7.18 19.79
CA SER B 62 9.55 7.08 18.34
C SER B 62 9.38 8.45 17.70
N SER B 63 8.42 9.24 18.19
CA SER B 63 8.27 10.62 17.72
C SER B 63 9.55 11.41 17.89
N TRP B 64 10.24 11.22 19.03
CA TRP B 64 11.43 12.00 19.31
C TRP B 64 12.53 11.69 18.30
N ARG B 65 12.69 10.41 17.95
CA ARG B 65 13.70 10.04 16.97
C ARG B 65 13.37 10.64 15.61
N VAL B 66 12.10 10.59 15.20
CA VAL B 66 11.69 11.18 13.93
C VAL B 66 12.01 12.66 13.90
N ILE B 67 11.58 13.39 14.93
CA ILE B 67 11.77 14.85 14.96
C ILE B 67 13.26 15.19 14.99
N SER B 68 14.05 14.38 15.71
CA SER B 68 15.50 14.62 15.79
C SER B 68 16.19 14.37 14.47
N SER B 69 15.73 13.36 13.72
CA SER B 69 16.28 13.10 12.40
C SER B 69 15.93 14.22 11.44
N ILE B 70 14.73 14.77 11.53
CA ILE B 70 14.35 15.89 10.67
C ILE B 70 15.20 17.11 10.98
N GLU B 71 15.51 17.34 12.26
CA GLU B 71 16.30 18.50 12.63
C GLU B 71 17.69 18.46 12.01
N GLN B 72 18.28 17.27 11.85
CA GLN B 72 19.62 17.18 11.27
C GLN B 72 19.64 17.63 9.82
N LYS B 73 18.55 17.39 9.09
CA LYS B 73 18.50 17.66 7.66
C LYS B 73 17.63 18.87 7.32
N THR B 74 17.34 19.72 8.30
CA THR B 74 16.50 20.89 8.09
C THR B 74 17.34 22.07 7.61
N GLU B 75 16.90 22.70 6.53
CA GLU B 75 17.52 23.92 6.05
C GLU B 75 17.57 24.97 7.15
N ARG B 76 18.61 25.80 7.10
CA ARG B 76 18.88 26.77 8.17
C ARG B 76 17.91 27.94 8.07
N ASN B 77 16.67 27.69 8.48
CA ASN B 77 15.63 28.71 8.51
C ASN B 77 15.25 28.93 9.98
N GLU B 78 15.19 30.19 10.39
CA GLU B 78 15.04 30.49 11.81
C GLU B 78 13.67 30.04 12.33
N LYS B 79 12.61 30.33 11.58
CA LYS B 79 11.27 29.93 12.02
C LYS B 79 11.12 28.41 12.04
N LYS B 80 11.62 27.73 11.01
CA LYS B 80 11.52 26.27 10.95
C LYS B 80 12.34 25.60 12.04
N GLN B 81 13.57 26.09 12.26
CA GLN B 81 14.41 25.47 13.28
C GLN B 81 13.87 25.74 14.68
N GLN B 82 13.26 26.90 14.92
CA GLN B 82 12.66 27.15 16.22
C GLN B 82 11.44 26.26 16.44
N MET B 83 10.67 26.02 15.38
CA MET B 83 9.48 25.18 15.49
C MET B 83 9.87 23.74 15.82
N GLY B 84 10.87 23.21 15.12
CA GLY B 84 11.30 21.85 15.36
C GLY B 84 11.91 21.68 16.74
N LYS B 85 12.65 22.70 17.19
CA LYS B 85 13.29 22.62 18.50
C LYS B 85 12.25 22.72 19.62
N GLU B 86 11.29 23.63 19.50
CA GLU B 86 10.24 23.66 20.51
C GLU B 86 9.35 22.41 20.42
N TYR B 87 9.19 21.84 19.22
CA TYR B 87 8.41 20.62 19.10
C TYR B 87 9.14 19.42 19.71
N ARG B 88 10.45 19.31 19.47
CA ARG B 88 11.21 18.25 20.12
C ARG B 88 11.16 18.41 21.63
N GLU B 89 11.21 19.65 22.13
CA GLU B 89 11.19 19.89 23.57
C GLU B 89 9.83 19.54 24.17
N LYS B 90 8.74 19.80 23.44
CA LYS B 90 7.43 19.35 23.87
C LYS B 90 7.41 17.85 24.09
N ILE B 91 7.89 17.08 23.09
CA ILE B 91 7.95 15.62 23.18
C ILE B 91 8.85 15.21 24.34
N GLU B 92 10.02 15.86 24.46
CA GLU B 92 10.92 15.58 25.59
C GLU B 92 10.22 15.80 26.93
N ALA B 93 9.42 16.86 27.05
CA ALA B 93 8.73 17.12 28.30
C ALA B 93 7.71 16.03 28.61
N GLU B 94 6.98 15.55 27.60
CA GLU B 94 6.06 14.43 27.82
C GLU B 94 6.82 13.17 28.19
N LEU B 95 7.91 12.88 27.51
CA LEU B 95 8.66 11.66 27.82
C LEU B 95 9.17 11.70 29.26
N GLN B 96 9.63 12.88 29.72
CA GLN B 96 10.11 12.97 31.08
C GLN B 96 8.97 12.86 32.09
N ASP B 97 7.78 13.36 31.76
CA ASP B 97 6.65 13.18 32.66
C ASP B 97 6.25 11.72 32.76
N ILE B 98 6.27 11.00 31.63
CA ILE B 98 5.90 9.58 31.61
C ILE B 98 6.90 8.76 32.42
N CYS B 99 8.20 8.94 32.14
CA CYS B 99 9.23 8.18 32.83
C CYS B 99 9.26 8.46 34.32
N ASN B 100 9.11 9.73 34.72
CA ASN B 100 9.08 10.05 36.15
C ASN B 100 7.91 9.38 36.86
N ASP B 101 6.76 9.26 36.20
CA ASP B 101 5.62 8.56 36.80
C ASP B 101 5.93 7.09 37.01
N VAL B 102 6.54 6.45 36.01
CA VAL B 102 6.87 5.04 36.14
C VAL B 102 7.92 4.85 37.23
N LEU B 103 8.95 5.71 37.23
CA LEU B 103 9.99 5.59 38.24
C LEU B 103 9.44 5.86 39.64
N GLU B 104 8.45 6.74 39.76
CA GLU B 104 7.81 6.94 41.06
C GLU B 104 7.06 5.69 41.50
N LEU B 105 6.29 5.09 40.59
CA LEU B 105 5.64 3.82 40.91
C LEU B 105 6.62 2.77 41.37
N LEU B 106 7.75 2.64 40.67
CA LEU B 106 8.77 1.65 40.99
C LEU B 106 9.33 1.88 42.39
N ASP B 107 9.69 3.12 42.70
CA ASP B 107 10.33 3.34 43.99
C ASP B 107 9.32 3.32 45.14
N LYS B 108 8.08 3.75 44.92
CA LYS B 108 7.11 3.86 46.01
C LYS B 108 6.28 2.60 46.24
N TYR B 109 6.11 1.74 45.24
CA TYR B 109 5.21 0.59 45.36
C TYR B 109 5.86 -0.69 44.86
N LEU B 110 6.33 -0.70 43.61
CA LEU B 110 6.64 -1.97 42.95
C LEU B 110 7.88 -2.60 43.55
N ILE B 111 8.99 -1.88 43.61
CA ILE B 111 10.21 -2.47 44.17
C ILE B 111 10.03 -2.76 45.66
N PRO B 112 9.56 -1.84 46.51
CA PRO B 112 9.43 -2.20 47.94
C PRO B 112 8.43 -3.31 48.24
N ASN B 113 7.42 -3.54 47.42
CA ASN B 113 6.48 -4.61 47.72
C ASN B 113 6.88 -5.95 47.09
N ALA B 114 7.99 -5.99 46.35
CA ALA B 114 8.40 -7.22 45.67
C ALA B 114 8.86 -8.25 46.71
N THR B 115 8.17 -9.39 46.75
CA THR B 115 8.43 -10.42 47.75
C THR B 115 9.26 -11.59 47.22
N GLN B 116 9.54 -11.64 45.93
CA GLN B 116 10.33 -12.73 45.34
C GLN B 116 11.42 -12.17 44.44
N PRO B 117 12.56 -12.86 44.37
CA PRO B 117 13.70 -12.35 43.58
C PRO B 117 13.41 -12.14 42.11
N GLU B 118 12.57 -12.98 41.49
CA GLU B 118 12.21 -12.76 40.10
C GLU B 118 11.48 -11.44 39.92
N SER B 119 10.65 -11.07 40.90
CA SER B 119 9.96 -9.78 40.85
C SER B 119 10.94 -8.64 41.03
N LYS B 120 11.88 -8.78 41.96
CA LYS B 120 12.84 -7.72 42.19
C LYS B 120 13.65 -7.46 40.94
N VAL B 121 14.14 -8.53 40.29
CA VAL B 121 14.93 -8.34 39.07
C VAL B 121 14.08 -7.66 38.01
N PHE B 122 12.82 -8.10 37.85
CA PHE B 122 11.95 -7.49 36.84
C PHE B 122 11.84 -5.99 37.05
N TYR B 123 11.55 -5.56 38.29
CA TYR B 123 11.32 -4.14 38.51
C TYR B 123 12.60 -3.34 38.48
N LEU B 124 13.72 -3.92 38.90
CA LEU B 124 14.99 -3.22 38.79
C LEU B 124 15.40 -3.08 37.33
N LYS B 125 15.12 -4.09 36.52
CA LYS B 125 15.33 -3.94 35.08
C LYS B 125 14.45 -2.83 34.51
N MET B 126 13.19 -2.78 34.95
CA MET B 126 12.29 -1.73 34.50
C MET B 126 12.82 -0.35 34.88
N LYS B 127 13.31 -0.22 36.12
CA LYS B 127 13.95 1.03 36.54
C LYS B 127 15.14 1.37 35.65
N GLY B 128 15.97 0.37 35.34
CA GLY B 128 17.06 0.59 34.40
C GLY B 128 16.56 1.03 33.03
N ASP B 129 15.49 0.38 32.53
CA ASP B 129 14.93 0.77 31.23
C ASP B 129 14.44 2.22 31.25
N TYR B 130 13.69 2.62 32.28
CA TYR B 130 13.08 3.94 32.16
C TYR B 130 14.09 5.07 32.42
N PHE B 131 15.14 4.82 33.21
CA PHE B 131 16.23 5.78 33.27
C PHE B 131 17.03 5.81 31.97
N ARG B 132 17.12 4.67 31.27
CA ARG B 132 17.74 4.67 29.95
C ARG B 132 16.92 5.50 28.97
N TYR B 133 15.59 5.44 29.03
CA TYR B 133 14.76 6.25 28.14
C TYR B 133 14.95 7.74 28.42
N LEU B 134 15.08 8.12 29.70
CA LEU B 134 15.42 9.50 30.02
C LEU B 134 16.79 9.87 29.45
N SER B 135 17.77 8.96 29.59
CA SER B 135 19.11 9.20 29.08
C SER B 135 19.15 9.38 27.57
N GLU B 136 18.21 8.78 26.84
CA GLU B 136 18.19 8.90 25.38
C GLU B 136 18.03 10.35 24.93
N VAL B 137 17.35 11.18 25.72
CA VAL B 137 17.07 12.57 25.37
C VAL B 137 17.73 13.57 26.31
N ALA B 138 18.43 13.11 27.36
CA ALA B 138 18.97 14.02 28.34
C ALA B 138 20.26 14.67 27.83
N SER B 139 20.66 15.75 28.49
CA SER B 139 21.87 16.48 28.14
C SER B 139 22.63 16.89 29.39
N GLY B 140 23.93 17.08 29.22
CA GLY B 140 24.73 17.73 30.25
C GLY B 140 24.77 16.93 31.52
N ASP B 141 24.69 17.63 32.66
CA ASP B 141 24.83 16.93 33.93
C ASP B 141 23.61 16.09 34.24
N ASN B 142 22.42 16.51 33.81
CA ASN B 142 21.24 15.67 33.99
C ASN B 142 21.41 14.33 33.27
N LYS B 143 22.06 14.34 32.10
CA LYS B 143 22.38 13.10 31.42
C LYS B 143 23.31 12.24 32.25
N GLN B 144 24.30 12.86 32.90
CA GLN B 144 25.20 12.11 33.79
C GLN B 144 24.41 11.40 34.89
N THR B 145 23.38 12.06 35.42
CA THR B 145 22.61 11.49 36.51
C THR B 145 21.70 10.36 36.04
N THR B 146 21.00 10.55 34.92
CA THR B 146 20.08 9.50 34.48
C THR B 146 20.85 8.28 33.98
N VAL B 147 22.01 8.50 33.37
CA VAL B 147 22.85 7.41 32.91
C VAL B 147 23.37 6.61 34.11
N SER B 148 23.87 7.32 35.12
CA SER B 148 24.34 6.68 36.34
C SER B 148 23.21 5.90 37.02
N ASN B 149 22.01 6.48 37.06
CA ASN B 149 20.90 5.79 37.72
C ASN B 149 20.45 4.57 36.90
N SER B 150 20.44 4.68 35.57
CA SER B 150 20.17 3.49 34.75
C SER B 150 21.16 2.38 35.07
N GLN B 151 22.46 2.70 35.01
CA GLN B 151 23.49 1.68 35.26
C GLN B 151 23.35 1.04 36.63
N GLN B 152 23.07 1.84 37.67
CA GLN B 152 22.96 1.29 39.02
C GLN B 152 21.78 0.34 39.15
N ALA B 153 20.65 0.68 38.52
CA ALA B 153 19.49 -0.19 38.60
C ALA B 153 19.75 -1.51 37.88
N TYR B 154 20.27 -1.44 36.65
CA TYR B 154 20.60 -2.63 35.88
C TYR B 154 21.59 -3.51 36.66
N GLN B 155 22.62 -2.87 37.20
CA GLN B 155 23.65 -3.60 37.92
C GLN B 155 23.08 -4.32 39.13
N GLU B 156 22.23 -3.64 39.91
CA GLU B 156 21.58 -4.30 41.04
C GLU B 156 20.73 -5.49 40.59
N ALA B 157 19.97 -5.31 39.50
CA ALA B 157 19.24 -6.42 38.90
C ALA B 157 20.17 -7.55 38.47
N PHE B 158 21.30 -7.19 37.85
CA PHE B 158 22.21 -8.18 37.30
C PHE B 158 22.79 -9.06 38.39
N GLU B 159 23.16 -8.46 39.52
CA GLU B 159 23.73 -9.20 40.64
C GLU B 159 22.73 -10.18 41.23
N ILE B 160 21.48 -9.75 41.41
CA ILE B 160 20.46 -10.65 41.94
C ILE B 160 20.19 -11.78 40.96
N SER B 161 20.13 -11.47 39.66
CA SER B 161 19.78 -12.50 38.69
C SER B 161 20.86 -13.58 38.61
N LYS B 162 22.12 -13.22 38.80
CA LYS B 162 23.18 -14.23 38.72
C LYS B 162 23.15 -15.17 39.91
N LYS B 163 22.59 -14.72 41.04
CA LYS B 163 22.48 -15.50 42.28
C LYS B 163 21.20 -16.30 42.38
N GLU B 164 20.09 -15.81 41.84
CA GLU B 164 18.79 -16.41 42.09
C GLU B 164 18.13 -17.01 40.86
N MET B 165 18.73 -16.87 39.68
CA MET B 165 18.07 -17.33 38.47
C MET B 165 19.03 -18.11 37.60
N GLN B 166 18.48 -19.10 36.88
CA GLN B 166 19.26 -19.87 35.94
C GLN B 166 19.58 -19.00 34.72
N PRO B 167 20.66 -19.31 33.99
CA PRO B 167 21.03 -18.48 32.84
C PRO B 167 20.02 -18.52 31.71
N THR B 168 19.14 -19.50 31.67
CA THR B 168 18.10 -19.61 30.65
C THR B 168 16.82 -18.85 31.02
N HIS B 169 16.75 -18.27 32.20
CA HIS B 169 15.53 -17.62 32.64
C HIS B 169 15.24 -16.42 31.73
N PRO B 170 14.02 -16.28 31.22
CA PRO B 170 13.75 -15.17 30.29
C PRO B 170 14.04 -13.79 30.85
N ILE B 171 13.81 -13.57 32.15
CA ILE B 171 14.04 -12.25 32.71
C ILE B 171 15.52 -11.97 32.84
N ARG B 172 16.29 -13.00 33.22
CA ARG B 172 17.74 -12.83 33.23
C ARG B 172 18.27 -12.55 31.83
N LEU B 173 17.77 -13.28 30.83
CA LEU B 173 18.18 -13.03 29.46
C LEU B 173 17.75 -11.65 28.99
N GLY B 174 16.53 -11.24 29.33
CA GLY B 174 16.05 -9.94 28.88
C GLY B 174 16.80 -8.82 29.56
N LEU B 175 17.15 -9.02 30.83
CA LEU B 175 18.01 -8.07 31.54
C LEU B 175 19.35 -7.91 30.83
N ALA B 176 19.99 -9.02 30.46
CA ALA B 176 21.25 -8.95 29.73
C ALA B 176 21.08 -8.21 28.41
N LEU B 177 20.03 -8.54 27.66
CA LEU B 177 19.80 -7.88 26.40
C LEU B 177 19.75 -6.36 26.57
N ASN B 178 18.94 -5.88 27.52
CA ASN B 178 18.71 -4.44 27.61
C ASN B 178 19.90 -3.72 28.24
N PHE B 179 20.55 -4.37 29.20
CA PHE B 179 21.77 -3.82 29.79
C PHE B 179 22.87 -3.74 28.75
N SER B 180 22.96 -4.74 27.87
CA SER B 180 23.90 -4.65 26.75
C SER B 180 23.57 -3.49 25.82
N VAL B 181 22.29 -3.28 25.49
CA VAL B 181 21.92 -2.10 24.70
C VAL B 181 22.37 -0.83 25.42
N PHE B 182 22.20 -0.79 26.74
CA PHE B 182 22.58 0.38 27.52
C PHE B 182 24.07 0.68 27.34
N TYR B 183 24.93 -0.35 27.49
CA TYR B 183 26.36 -0.17 27.28
C TYR B 183 26.69 0.27 25.86
N TYR B 184 26.07 -0.37 24.86
CA TYR B 184 26.36 -0.02 23.47
C TYR B 184 25.97 1.43 23.16
N GLU B 185 24.73 1.78 23.46
CA GLU B 185 24.08 2.99 22.92
C GLU B 185 24.21 4.19 23.84
N ILE B 186 24.14 3.96 25.14
CA ILE B 186 24.15 5.05 26.12
C ILE B 186 25.56 5.35 26.61
N LEU B 187 26.30 4.32 27.00
CA LEU B 187 27.69 4.48 27.42
C LEU B 187 28.68 4.43 26.28
N ASN B 188 28.21 4.25 25.05
CA ASN B 188 29.06 4.07 23.88
C ASN B 188 30.28 3.21 24.20
N SER B 189 29.99 2.01 24.68
CA SER B 189 31.00 1.07 25.15
C SER B 189 30.75 -0.27 24.47
N PRO B 190 30.98 -0.34 23.16
CA PRO B 190 30.50 -1.51 22.39
C PRO B 190 31.15 -2.82 22.81
N GLU B 191 32.41 -2.80 23.24
CA GLU B 191 33.07 -4.04 23.65
C GLU B 191 32.40 -4.63 24.87
N LYS B 192 32.16 -3.80 25.91
CA LYS B 192 31.40 -4.25 27.07
C LYS B 192 30.01 -4.76 26.67
N ALA B 193 29.34 -4.05 25.76
CA ALA B 193 28.02 -4.49 25.31
C ALA B 193 28.09 -5.84 24.62
N CYS B 194 29.09 -6.05 23.77
CA CYS B 194 29.21 -7.30 23.05
C CYS B 194 29.59 -8.44 23.99
N SER B 195 30.47 -8.17 24.96
CA SER B 195 30.91 -9.23 25.85
C SER B 195 29.80 -9.61 26.84
N LEU B 196 29.03 -8.61 27.28
CA LEU B 196 27.90 -8.89 28.17
C LEU B 196 26.86 -9.75 27.46
N ALA B 197 26.53 -9.41 26.21
CA ALA B 197 25.52 -10.15 25.47
C ALA B 197 26.00 -11.53 25.07
N LYS B 198 27.27 -11.64 24.67
CA LYS B 198 27.80 -12.94 24.25
C LYS B 198 27.90 -13.90 25.44
N THR B 199 28.29 -13.39 26.61
CA THR B 199 28.36 -14.25 27.78
C THR B 199 26.97 -14.77 28.16
N ALA B 200 25.97 -13.88 28.17
CA ALA B 200 24.62 -14.33 28.47
C ALA B 200 24.14 -15.36 27.45
N PHE B 201 24.40 -15.12 26.16
CA PHE B 201 23.96 -16.05 25.12
C PHE B 201 24.66 -17.40 25.26
N ASP B 202 25.98 -17.37 25.44
CA ASP B 202 26.74 -18.62 25.49
C ASP B 202 26.35 -19.45 26.70
N GLU B 203 26.23 -18.82 27.87
CA GLU B 203 25.87 -19.56 29.08
C GLU B 203 24.46 -20.13 28.99
N ALA B 204 23.55 -19.45 28.29
CA ALA B 204 22.22 -20.01 28.10
C ALA B 204 22.24 -21.14 27.08
N ILE B 205 22.98 -20.97 25.98
CA ILE B 205 23.12 -22.05 24.98
C ILE B 205 23.55 -23.34 25.66
N ALA B 206 24.45 -23.22 26.64
CA ALA B 206 25.02 -24.34 27.37
C ALA B 206 24.00 -25.13 28.19
N GLU B 207 22.81 -24.58 28.43
CA GLU B 207 21.88 -25.25 29.34
C GLU B 207 20.51 -25.46 28.73
N LEU B 208 20.38 -25.35 27.41
CA LEU B 208 19.09 -25.57 26.78
C LEU B 208 18.62 -27.02 27.01
N ASP B 209 19.56 -27.96 27.17
CA ASP B 209 19.21 -29.37 27.37
C ASP B 209 18.34 -29.58 28.60
N THR B 210 18.43 -28.67 29.57
CA THR B 210 17.67 -28.76 30.80
C THR B 210 16.21 -28.31 30.67
N LEU B 211 15.78 -27.86 29.50
CA LEU B 211 14.48 -27.20 29.36
C LEU B 211 13.46 -28.10 28.68
N ASN B 212 12.23 -28.06 29.19
CA ASN B 212 11.13 -28.71 28.48
C ASN B 212 10.73 -27.84 27.28
N GLU B 213 9.73 -28.33 26.54
CA GLU B 213 9.35 -27.67 25.28
C GLU B 213 8.93 -26.22 25.52
N GLU B 214 8.14 -25.97 26.57
CA GLU B 214 7.61 -24.63 26.81
C GLU B 214 8.72 -23.68 27.23
N SER B 215 9.56 -24.11 28.19
CA SER B 215 10.67 -23.28 28.63
C SER B 215 11.66 -23.00 27.51
N TYR B 216 11.89 -24.01 26.65
CA TYR B 216 12.79 -23.84 25.53
C TYR B 216 12.32 -22.74 24.59
N LYS B 217 11.03 -22.74 24.26
CA LYS B 217 10.50 -21.64 23.44
C LYS B 217 10.69 -20.30 24.13
N ASP B 218 10.35 -20.20 25.42
CA ASP B 218 10.49 -18.93 26.14
C ASP B 218 11.92 -18.40 26.08
N SER B 219 12.90 -19.28 26.32
CA SER B 219 14.30 -18.85 26.39
C SER B 219 14.85 -18.49 25.02
N THR B 220 14.61 -19.34 24.00
CA THR B 220 15.21 -19.10 22.70
C THR B 220 14.63 -17.86 22.01
N LEU B 221 13.40 -17.49 22.37
CA LEU B 221 12.84 -16.23 21.90
C LEU B 221 13.78 -15.05 22.13
N ILE B 222 14.32 -14.93 23.35
CA ILE B 222 15.19 -13.81 23.71
C ILE B 222 16.65 -14.08 23.35
N MET B 223 17.08 -15.35 23.35
CA MET B 223 18.42 -15.64 22.87
C MET B 223 18.59 -15.21 21.42
N GLN B 224 17.53 -15.31 20.61
CA GLN B 224 17.60 -14.84 19.23
C GLN B 224 17.78 -13.34 19.14
N LEU B 225 17.21 -12.58 20.09
CA LEU B 225 17.42 -11.15 20.10
C LEU B 225 18.87 -10.81 20.45
N LEU B 226 19.44 -11.58 21.37
CA LEU B 226 20.85 -11.41 21.72
C LEU B 226 21.75 -11.70 20.53
N ARG B 227 21.42 -12.75 19.76
CA ARG B 227 22.20 -13.06 18.57
C ARG B 227 22.04 -11.97 17.51
N ASP B 228 20.80 -11.48 17.33
CA ASP B 228 20.54 -10.41 16.35
C ASP B 228 21.36 -9.17 16.68
N ASN B 229 21.46 -8.81 17.96
CA ASN B 229 22.21 -7.62 18.36
C ASN B 229 23.70 -7.81 18.14
N LEU B 230 24.21 -8.99 18.47
CA LEU B 230 25.61 -9.30 18.22
C LEU B 230 25.93 -9.23 16.74
N THR B 231 25.07 -9.83 15.92
CA THR B 231 25.25 -9.78 14.47
C THR B 231 25.25 -8.34 13.97
N LEU B 232 24.35 -7.52 14.50
CA LEU B 232 24.27 -6.12 14.05
C LEU B 232 25.53 -5.35 14.45
N TRP B 233 26.02 -5.56 15.67
CA TRP B 233 27.12 -4.75 16.20
C TRP B 233 28.50 -5.20 15.70
N THR B 234 28.63 -6.43 15.21
CA THR B 234 29.94 -6.95 14.82
C THR B 234 30.05 -7.22 13.33
N SER B 235 29.04 -6.86 12.54
CA SER B 235 29.11 -7.03 11.09
C SER B 235 29.26 -5.68 10.39
N MET C 6 26.71 -13.61 -19.76
CA MET C 6 26.73 -12.57 -18.74
C MET C 6 27.10 -13.12 -17.36
N ASP C 7 27.79 -12.29 -16.58
CA ASP C 7 28.15 -12.64 -15.21
C ASP C 7 26.90 -12.84 -14.36
N LYS C 8 27.11 -13.18 -13.09
CA LYS C 8 26.02 -13.14 -12.13
C LYS C 8 25.62 -11.71 -11.82
N SER C 9 26.61 -10.82 -11.66
CA SER C 9 26.34 -9.43 -11.35
C SER C 9 25.59 -8.73 -12.49
N GLU C 10 25.94 -9.05 -13.73
CA GLU C 10 25.25 -8.44 -14.88
C GLU C 10 23.78 -8.85 -14.92
N LEU C 11 23.50 -10.14 -14.72
CA LEU C 11 22.13 -10.61 -14.78
C LEU C 11 21.29 -10.04 -13.65
N VAL C 12 21.87 -9.90 -12.46
CA VAL C 12 21.14 -9.37 -11.32
C VAL C 12 20.78 -7.90 -11.53
N GLN C 13 21.74 -7.10 -11.99
CA GLN C 13 21.42 -5.70 -12.27
C GLN C 13 20.47 -5.57 -13.45
N LYS C 14 20.56 -6.49 -14.41
CA LYS C 14 19.60 -6.52 -15.52
C LYS C 14 18.18 -6.81 -15.01
N ALA C 15 18.06 -7.80 -14.12
CA ALA C 15 16.76 -8.08 -13.53
C ALA C 15 16.21 -6.87 -12.78
N LYS C 16 17.10 -6.09 -12.15
CA LYS C 16 16.66 -4.89 -11.44
C LYS C 16 16.18 -3.81 -12.41
N LEU C 17 16.87 -3.65 -13.54
CA LEU C 17 16.39 -2.73 -14.56
C LEU C 17 15.05 -3.20 -15.13
N ALA C 18 14.92 -4.50 -15.37
CA ALA C 18 13.66 -5.03 -15.89
C ALA C 18 12.51 -4.79 -14.91
N GLU C 19 12.77 -4.92 -13.60
CA GLU C 19 11.72 -4.64 -12.62
C GLU C 19 11.29 -3.18 -12.64
N GLN C 20 12.25 -2.25 -12.72
CA GLN C 20 11.91 -0.83 -12.81
C GLN C 20 11.06 -0.53 -14.03
N ALA C 21 11.37 -1.17 -15.16
CA ALA C 21 10.65 -0.96 -16.42
C ALA C 21 9.37 -1.78 -16.50
N GLU C 22 9.01 -2.51 -15.44
CA GLU C 22 7.85 -3.40 -15.42
C GLU C 22 7.89 -4.42 -16.55
N ARG C 23 9.08 -4.92 -16.87
CA ARG C 23 9.22 -5.97 -17.89
C ARG C 23 9.54 -7.28 -17.17
N TYR C 24 8.50 -7.93 -16.64
CA TYR C 24 8.71 -9.04 -15.74
C TYR C 24 9.10 -10.32 -16.46
N ASP C 25 8.75 -10.47 -17.74
CA ASP C 25 9.24 -11.62 -18.48
C ASP C 25 10.77 -11.57 -18.61
N ASP C 26 11.30 -10.39 -18.95
CA ASP C 26 12.75 -10.19 -18.93
C ASP C 26 13.33 -10.44 -17.55
N MET C 27 12.64 -9.96 -16.51
CA MET C 27 13.16 -10.13 -15.16
C MET C 27 13.24 -11.60 -14.79
N ALA C 28 12.22 -12.39 -15.16
CA ALA C 28 12.22 -13.81 -14.81
C ALA C 28 13.26 -14.59 -15.60
N ALA C 29 13.49 -14.20 -16.86
CA ALA C 29 14.52 -14.88 -17.64
C ALA C 29 15.90 -14.61 -17.04
N ALA C 30 16.13 -13.39 -16.57
CA ALA C 30 17.41 -13.06 -15.95
C ALA C 30 17.61 -13.84 -14.66
N MET C 31 16.60 -13.87 -13.79
CA MET C 31 16.77 -14.57 -12.52
C MET C 31 16.78 -16.09 -12.69
N LYS C 32 16.17 -16.61 -13.76
CA LYS C 32 16.29 -18.05 -14.05
C LYS C 32 17.71 -18.41 -14.47
N ALA C 33 18.31 -17.61 -15.35
CA ALA C 33 19.67 -17.88 -15.78
C ALA C 33 20.64 -17.79 -14.61
N VAL C 34 20.39 -16.89 -13.66
CA VAL C 34 21.18 -16.84 -12.43
C VAL C 34 21.06 -18.15 -11.66
N THR C 35 19.82 -18.53 -11.34
CA THR C 35 19.56 -19.75 -10.59
C THR C 35 20.19 -20.97 -11.25
N GLU C 36 20.15 -21.04 -12.59
CA GLU C 36 20.67 -22.19 -13.31
C GLU C 36 22.20 -22.25 -13.31
N GLN C 37 22.88 -21.20 -12.83
CA GLN C 37 24.32 -21.26 -12.66
C GLN C 37 24.74 -22.10 -11.45
N GLY C 38 23.80 -22.53 -10.60
CA GLY C 38 24.06 -23.55 -9.61
C GLY C 38 24.35 -23.04 -8.20
N HIS C 39 24.77 -21.79 -8.06
CA HIS C 39 25.10 -21.26 -6.75
C HIS C 39 23.86 -21.13 -5.87
N GLU C 40 24.10 -20.81 -4.60
CA GLU C 40 23.04 -20.52 -3.66
C GLU C 40 22.67 -19.04 -3.74
N LEU C 41 21.39 -18.76 -3.93
CA LEU C 41 20.91 -17.40 -4.07
C LEU C 41 21.03 -16.65 -2.74
N SER C 42 21.45 -15.39 -2.82
CA SER C 42 21.40 -14.50 -1.67
C SER C 42 19.96 -14.12 -1.38
N ASN C 43 19.76 -13.36 -0.29
CA ASN C 43 18.41 -12.92 0.05
C ASN C 43 17.85 -11.99 -1.01
N GLU C 44 18.69 -11.12 -1.57
CA GLU C 44 18.23 -10.19 -2.59
C GLU C 44 17.92 -10.93 -3.89
N GLU C 45 18.74 -11.91 -4.25
CA GLU C 45 18.51 -12.67 -5.49
C GLU C 45 17.22 -13.48 -5.40
N ARG C 46 16.97 -14.15 -4.27
CA ARG C 46 15.78 -15.00 -4.23
C ARG C 46 14.51 -14.15 -4.17
N ASN C 47 14.57 -12.98 -3.52
CA ASN C 47 13.42 -12.07 -3.55
C ASN C 47 13.16 -11.56 -4.96
N LEU C 48 14.22 -11.27 -5.73
CA LEU C 48 14.03 -10.84 -7.11
C LEU C 48 13.42 -11.96 -7.94
N LEU C 49 13.91 -13.19 -7.74
CA LEU C 49 13.38 -14.33 -8.48
C LEU C 49 11.92 -14.56 -8.14
N SER C 50 11.56 -14.39 -6.87
CA SER C 50 10.18 -14.59 -6.45
C SER C 50 9.26 -13.51 -7.00
N VAL C 51 9.70 -12.25 -6.95
CA VAL C 51 8.93 -11.13 -7.51
C VAL C 51 8.72 -11.33 -9.01
N ALA C 52 9.76 -11.76 -9.71
CA ALA C 52 9.66 -11.90 -11.15
C ALA C 52 8.60 -12.91 -11.51
N TYR C 53 8.67 -14.08 -10.89
CA TYR C 53 7.73 -15.12 -11.27
C TYR C 53 6.35 -14.85 -10.74
N LYS C 54 6.24 -14.19 -9.59
CA LYS C 54 4.92 -13.86 -9.06
C LYS C 54 4.17 -12.97 -10.04
N ASN C 55 4.87 -12.01 -10.66
CA ASN C 55 4.24 -11.14 -11.63
C ASN C 55 3.98 -11.86 -12.95
N VAL C 56 4.91 -12.70 -13.40
CA VAL C 56 4.69 -13.44 -14.64
C VAL C 56 3.49 -14.37 -14.51
N VAL C 57 3.45 -15.15 -13.42
CA VAL C 57 2.35 -16.09 -13.26
C VAL C 57 1.05 -15.33 -12.96
N GLY C 58 1.15 -14.20 -12.27
CA GLY C 58 -0.04 -13.45 -11.87
C GLY C 58 -0.80 -12.86 -13.04
N ALA C 59 -0.10 -12.42 -14.09
CA ALA C 59 -0.81 -11.91 -15.26
C ALA C 59 -1.63 -12.99 -15.92
N ARG C 60 -1.13 -14.24 -15.95
CA ARG C 60 -1.88 -15.34 -16.52
C ARG C 60 -3.04 -15.76 -15.62
N ARG C 61 -2.81 -15.81 -14.30
CA ARG C 61 -3.89 -16.07 -13.35
C ARG C 61 -5.01 -15.07 -13.53
N SER C 62 -4.67 -13.78 -13.62
CA SER C 62 -5.69 -12.76 -13.81
C SER C 62 -6.45 -12.97 -15.11
N SER C 63 -5.75 -13.16 -16.22
CA SER C 63 -6.42 -13.37 -17.51
C SER C 63 -7.29 -14.61 -17.46
N TRP C 64 -6.80 -15.67 -16.81
CA TRP C 64 -7.57 -16.91 -16.74
C TRP C 64 -8.90 -16.70 -16.01
N ARG C 65 -8.88 -15.97 -14.89
CA ARG C 65 -10.15 -15.73 -14.20
C ARG C 65 -11.10 -14.90 -15.05
N VAL C 66 -10.57 -13.92 -15.79
CA VAL C 66 -11.42 -13.09 -16.66
C VAL C 66 -12.06 -13.93 -17.75
N ILE C 67 -11.26 -14.73 -18.46
CA ILE C 67 -11.80 -15.52 -19.57
C ILE C 67 -12.72 -16.63 -19.04
N SER C 68 -12.38 -17.22 -17.88
CA SER C 68 -13.27 -18.22 -17.29
C SER C 68 -14.63 -17.60 -16.96
N SER C 69 -14.62 -16.42 -16.37
CA SER C 69 -15.87 -15.75 -15.99
C SER C 69 -16.71 -15.45 -17.23
N ILE C 70 -16.10 -14.87 -18.26
CA ILE C 70 -16.84 -14.57 -19.49
C ILE C 70 -17.44 -15.83 -20.07
N GLU C 71 -16.66 -16.91 -20.09
CA GLU C 71 -17.09 -18.15 -20.73
C GLU C 71 -18.25 -18.79 -19.97
N GLN C 72 -18.19 -18.82 -18.64
CA GLN C 72 -19.28 -19.41 -17.86
C GLN C 72 -20.53 -18.53 -17.90
N LYS C 73 -20.38 -17.21 -17.87
CA LYS C 73 -21.50 -16.29 -17.89
C LYS C 73 -22.08 -16.09 -19.29
N THR C 74 -21.61 -16.83 -20.29
CA THR C 74 -22.04 -16.65 -21.67
C THR C 74 -23.07 -17.74 -21.99
N GLU C 75 -24.30 -17.31 -22.23
CA GLU C 75 -25.34 -18.19 -22.75
C GLU C 75 -25.88 -17.59 -24.04
N ARG C 76 -26.67 -18.39 -24.76
CA ARG C 76 -27.30 -17.96 -26.01
C ARG C 76 -26.26 -17.50 -27.04
N ASN C 77 -25.05 -18.06 -26.97
CA ASN C 77 -23.97 -17.72 -27.89
C ASN C 77 -22.90 -18.79 -27.88
N GLU C 78 -23.13 -19.89 -28.62
CA GLU C 78 -22.22 -21.02 -28.54
C GLU C 78 -20.88 -20.72 -29.20
N LYS C 79 -20.85 -19.86 -30.23
CA LYS C 79 -19.58 -19.56 -30.88
C LYS C 79 -18.67 -18.75 -29.97
N LYS C 80 -19.22 -17.75 -29.27
CA LYS C 80 -18.42 -17.02 -28.29
C LYS C 80 -17.98 -17.94 -27.15
N GLN C 81 -18.87 -18.83 -26.71
CA GLN C 81 -18.53 -19.76 -25.63
C GLN C 81 -17.37 -20.66 -26.02
N GLN C 82 -17.40 -21.19 -27.24
CA GLN C 82 -16.34 -22.09 -27.69
C GLN C 82 -15.00 -21.36 -27.85
N MET C 83 -15.03 -20.11 -28.32
CA MET C 83 -13.78 -19.37 -28.42
C MET C 83 -13.24 -19.05 -27.05
N GLY C 84 -14.13 -18.74 -26.10
CA GLY C 84 -13.71 -18.54 -24.72
C GLY C 84 -13.05 -19.77 -24.14
N LYS C 85 -13.61 -20.94 -24.41
CA LYS C 85 -12.99 -22.18 -23.96
C LYS C 85 -11.59 -22.34 -24.53
N GLU C 86 -11.44 -22.14 -25.84
CA GLU C 86 -10.12 -22.34 -26.46
C GLU C 86 -9.12 -21.32 -25.96
N TYR C 87 -9.55 -20.06 -25.79
CA TYR C 87 -8.67 -19.04 -25.25
C TYR C 87 -8.23 -19.40 -23.84
N ARG C 88 -9.19 -19.77 -22.98
CA ARG C 88 -8.85 -20.20 -21.63
C ARG C 88 -7.81 -21.33 -21.65
N GLU C 89 -7.96 -22.28 -22.57
CA GLU C 89 -7.02 -23.40 -22.62
C GLU C 89 -5.62 -22.95 -23.01
N LYS C 90 -5.51 -21.94 -23.88
CA LYS C 90 -4.20 -21.40 -24.22
C LYS C 90 -3.56 -20.71 -23.02
N ILE C 91 -4.35 -19.93 -22.27
CA ILE C 91 -3.84 -19.29 -21.06
C ILE C 91 -3.41 -20.35 -20.05
N GLU C 92 -4.20 -21.42 -19.91
CA GLU C 92 -3.83 -22.52 -19.01
C GLU C 92 -2.50 -23.14 -19.41
N ALA C 93 -2.26 -23.31 -20.71
CA ALA C 93 -1.00 -23.87 -21.16
C ALA C 93 0.17 -22.96 -20.81
N GLU C 94 -0.02 -21.65 -20.95
CA GLU C 94 1.01 -20.70 -20.52
C GLU C 94 1.23 -20.80 -19.02
N LEU C 95 0.14 -20.76 -18.25
CA LEU C 95 0.21 -20.86 -16.79
C LEU C 95 0.96 -22.14 -16.36
N GLN C 96 0.65 -23.27 -16.99
CA GLN C 96 1.28 -24.54 -16.64
C GLN C 96 2.77 -24.54 -16.99
N ASP C 97 3.14 -23.95 -18.13
CA ASP C 97 4.56 -23.85 -18.49
C ASP C 97 5.33 -22.99 -17.49
N ILE C 98 4.74 -21.90 -17.03
CA ILE C 98 5.41 -21.03 -16.06
C ILE C 98 5.60 -21.76 -14.74
N CYS C 99 4.53 -22.40 -14.26
CA CYS C 99 4.64 -23.17 -13.03
C CYS C 99 5.63 -24.31 -13.17
N ASN C 100 5.65 -24.97 -14.34
CA ASN C 100 6.60 -26.05 -14.54
C ASN C 100 8.03 -25.54 -14.42
N ASP C 101 8.32 -24.40 -15.05
CA ASP C 101 9.65 -23.81 -14.98
C ASP C 101 10.07 -23.54 -13.53
N VAL C 102 9.16 -22.98 -12.74
CA VAL C 102 9.48 -22.64 -11.35
C VAL C 102 9.71 -23.91 -10.54
N LEU C 103 8.84 -24.91 -10.71
CA LEU C 103 8.98 -26.15 -9.96
C LEU C 103 10.26 -26.87 -10.32
N GLU C 104 10.64 -26.80 -11.60
CA GLU C 104 11.93 -27.34 -12.05
C GLU C 104 13.09 -26.68 -11.33
N LEU C 105 13.08 -25.34 -11.26
CA LEU C 105 14.15 -24.62 -10.57
C LEU C 105 14.20 -25.01 -9.10
N LEU C 106 13.03 -25.22 -8.49
CA LEU C 106 12.99 -25.52 -7.07
C LEU C 106 13.55 -26.91 -6.80
N ASP C 107 13.17 -27.90 -7.62
CA ASP C 107 13.62 -29.27 -7.44
C ASP C 107 15.10 -29.42 -7.73
N LYS C 108 15.58 -28.71 -8.74
CA LYS C 108 16.93 -28.94 -9.26
C LYS C 108 17.98 -28.09 -8.56
N TYR C 109 17.68 -26.85 -8.20
CA TYR C 109 18.68 -25.93 -7.67
C TYR C 109 18.37 -25.39 -6.30
N LEU C 110 17.13 -24.93 -6.07
CA LEU C 110 16.88 -24.08 -4.90
C LEU C 110 16.74 -24.89 -3.61
N ILE C 111 15.91 -25.92 -3.63
CA ILE C 111 15.68 -26.74 -2.44
C ILE C 111 16.91 -27.60 -2.13
N PRO C 112 17.59 -28.21 -3.12
CA PRO C 112 18.82 -28.96 -2.78
C PRO C 112 19.93 -28.11 -2.18
N ASN C 113 20.05 -26.84 -2.57
CA ASN C 113 21.11 -25.97 -2.04
C ASN C 113 20.69 -25.21 -0.80
N ALA C 114 19.52 -25.50 -0.24
CA ALA C 114 18.98 -24.73 0.88
C ALA C 114 19.71 -25.13 2.15
N THR C 115 20.56 -24.23 2.65
CA THR C 115 21.36 -24.51 3.84
C THR C 115 20.55 -24.25 5.11
N GLN C 116 20.11 -23.02 5.28
CA GLN C 116 19.48 -22.59 6.51
C GLN C 116 17.98 -22.92 6.52
N PRO C 117 17.40 -23.15 7.71
CA PRO C 117 15.95 -23.38 7.77
C PRO C 117 15.12 -22.28 7.16
N GLU C 118 15.57 -21.02 7.21
CA GLU C 118 14.81 -19.94 6.60
C GLU C 118 14.71 -20.12 5.09
N SER C 119 15.84 -20.40 4.44
CA SER C 119 15.79 -20.61 3.00
C SER C 119 15.01 -21.87 2.63
N LYS C 120 15.07 -22.90 3.47
CA LYS C 120 14.32 -24.13 3.20
C LYS C 120 12.81 -23.88 3.28
N VAL C 121 12.37 -23.12 4.29
CA VAL C 121 10.96 -22.77 4.41
C VAL C 121 10.54 -21.84 3.27
N PHE C 122 11.42 -20.90 2.90
CA PHE C 122 11.10 -19.99 1.81
C PHE C 122 10.80 -20.78 0.54
N TYR C 123 11.66 -21.75 0.23
CA TYR C 123 11.54 -22.46 -1.04
C TYR C 123 10.41 -23.49 -1.02
N LEU C 124 10.22 -24.16 0.12
CA LEU C 124 9.09 -25.08 0.26
C LEU C 124 7.74 -24.35 0.19
N LYS C 125 7.66 -23.15 0.76
CA LYS C 125 6.45 -22.34 0.61
C LYS C 125 6.23 -22.00 -0.85
N MET C 126 7.29 -21.64 -1.55
CA MET C 126 7.17 -21.32 -2.97
C MET C 126 6.71 -22.54 -3.75
N LYS C 127 7.25 -23.72 -3.41
CA LYS C 127 6.79 -24.96 -4.03
C LYS C 127 5.30 -25.17 -3.79
N GLY C 128 4.86 -24.96 -2.54
CA GLY C 128 3.44 -25.03 -2.25
C GLY C 128 2.62 -24.03 -3.06
N ASP C 129 3.15 -22.80 -3.23
CA ASP C 129 2.41 -21.78 -3.98
C ASP C 129 2.21 -22.18 -5.44
N TYR C 130 3.27 -22.66 -6.09
CA TYR C 130 3.14 -22.92 -7.52
C TYR C 130 2.35 -24.20 -7.79
N PHE C 131 2.39 -25.18 -6.89
CA PHE C 131 1.44 -26.28 -7.03
C PHE C 131 0.03 -25.81 -6.74
N ARG C 132 -0.14 -24.83 -5.84
CA ARG C 132 -1.47 -24.24 -5.63
C ARG C 132 -1.97 -23.57 -6.90
N TYR C 133 -1.12 -22.80 -7.59
CA TYR C 133 -1.58 -22.13 -8.82
C TYR C 133 -1.95 -23.14 -9.89
N LEU C 134 -1.19 -24.23 -10.02
CA LEU C 134 -1.60 -25.32 -10.91
C LEU C 134 -2.95 -25.87 -10.49
N SER C 135 -3.14 -26.07 -9.18
CA SER C 135 -4.40 -26.62 -8.67
C SER C 135 -5.58 -25.71 -8.99
N GLU C 136 -5.34 -24.41 -9.18
CA GLU C 136 -6.44 -23.51 -9.48
C GLU C 136 -7.06 -23.80 -10.83
N VAL C 137 -6.34 -24.45 -11.75
CA VAL C 137 -6.85 -24.70 -13.10
C VAL C 137 -6.90 -26.18 -13.46
N ALA C 138 -6.30 -27.07 -12.68
CA ALA C 138 -6.28 -28.49 -12.99
C ALA C 138 -7.66 -29.11 -12.81
N SER C 139 -7.88 -30.28 -13.39
CA SER C 139 -9.26 -30.73 -13.52
C SER C 139 -9.59 -32.12 -13.00
N GLY C 140 -8.65 -33.05 -13.01
CA GLY C 140 -9.02 -34.41 -12.65
C GLY C 140 -8.01 -35.14 -11.81
N ASP C 141 -7.43 -36.23 -12.36
CA ASP C 141 -6.28 -36.85 -11.71
C ASP C 141 -5.15 -35.85 -11.57
N ASN C 142 -4.99 -34.95 -12.54
CA ASN C 142 -4.05 -33.85 -12.45
C ASN C 142 -4.29 -33.03 -11.18
N LYS C 143 -5.54 -32.71 -10.90
CA LYS C 143 -5.85 -31.87 -9.76
C LYS C 143 -5.47 -32.58 -8.45
N GLN C 144 -5.83 -33.85 -8.33
CA GLN C 144 -5.44 -34.62 -7.15
C GLN C 144 -3.94 -34.61 -6.95
N THR C 145 -3.16 -34.69 -8.04
CA THR C 145 -1.71 -34.67 -7.92
C THR C 145 -1.21 -33.31 -7.43
N THR C 146 -1.69 -32.22 -8.02
CA THR C 146 -1.16 -30.90 -7.65
C THR C 146 -1.64 -30.50 -6.27
N VAL C 147 -2.89 -30.80 -5.92
CA VAL C 147 -3.41 -30.45 -4.60
C VAL C 147 -2.62 -31.17 -3.52
N SER C 148 -2.32 -32.46 -3.77
CA SER C 148 -1.54 -33.23 -2.81
C SER C 148 -0.12 -32.71 -2.69
N ASN C 149 0.49 -32.36 -3.82
CA ASN C 149 1.86 -31.84 -3.79
C ASN C 149 1.91 -30.47 -3.11
N SER C 150 0.91 -29.63 -3.34
CA SER C 150 0.89 -28.33 -2.68
C SER C 150 0.80 -28.50 -1.16
N GLN C 151 -0.16 -29.29 -0.70
CA GLN C 151 -0.31 -29.51 0.73
C GLN C 151 0.96 -30.08 1.34
N GLN C 152 1.59 -31.05 0.67
CA GLN C 152 2.80 -31.68 1.20
C GLN C 152 3.94 -30.67 1.36
N ALA C 153 4.12 -29.78 0.38
CA ALA C 153 5.18 -28.79 0.48
C ALA C 153 4.88 -27.79 1.59
N TYR C 154 3.62 -27.37 1.69
CA TYR C 154 3.23 -26.42 2.72
C TYR C 154 3.39 -27.02 4.12
N GLN C 155 2.97 -28.26 4.28
CA GLN C 155 3.10 -28.93 5.58
C GLN C 155 4.57 -29.09 5.98
N GLU C 156 5.42 -29.51 5.04
CA GLU C 156 6.85 -29.63 5.34
C GLU C 156 7.44 -28.29 5.77
N ALA C 157 7.13 -27.23 5.02
CA ALA C 157 7.57 -25.90 5.40
C ALA C 157 7.00 -25.50 6.75
N PHE C 158 5.76 -25.89 7.02
CA PHE C 158 5.06 -25.51 8.25
C PHE C 158 5.77 -26.08 9.47
N GLU C 159 6.10 -27.36 9.44
CA GLU C 159 6.74 -27.96 10.60
C GLU C 159 8.16 -27.45 10.80
N ILE C 160 8.87 -27.12 9.74
CA ILE C 160 10.20 -26.52 9.90
C ILE C 160 10.09 -25.13 10.51
N SER C 161 9.19 -24.29 9.98
CA SER C 161 9.09 -22.92 10.46
C SER C 161 8.69 -22.89 11.93
N LYS C 162 7.83 -23.80 12.37
CA LYS C 162 7.43 -23.81 13.79
C LYS C 162 8.62 -24.15 14.68
N LYS C 163 9.43 -25.15 14.29
CA LYS C 163 10.56 -25.57 15.11
C LYS C 163 11.67 -24.52 15.13
N GLU C 164 11.91 -23.84 14.01
CA GLU C 164 13.17 -23.12 13.84
C GLU C 164 13.04 -21.63 13.61
N MET C 165 11.84 -21.06 13.59
CA MET C 165 11.69 -19.64 13.34
C MET C 165 10.78 -19.00 14.38
N GLN C 166 11.01 -17.73 14.63
CA GLN C 166 10.21 -17.00 15.59
C GLN C 166 8.83 -16.68 14.99
N PRO C 167 7.82 -16.53 15.84
CA PRO C 167 6.45 -16.37 15.34
C PRO C 167 6.23 -15.10 14.53
N THR C 168 7.08 -14.07 14.63
CA THR C 168 6.93 -12.86 13.82
C THR C 168 7.83 -12.83 12.59
N HIS C 169 8.61 -13.87 12.35
CA HIS C 169 9.41 -13.89 11.13
C HIS C 169 8.47 -13.76 9.94
N PRO C 170 8.68 -12.80 9.03
CA PRO C 170 7.74 -12.63 7.92
C PRO C 170 7.60 -13.86 7.05
N ILE C 171 8.64 -14.70 6.96
CA ILE C 171 8.53 -15.90 6.14
C ILE C 171 7.59 -16.89 6.80
N ARG C 172 7.71 -17.07 8.12
CA ARG C 172 6.79 -17.97 8.80
C ARG C 172 5.35 -17.45 8.74
N LEU C 173 5.18 -16.14 8.90
CA LEU C 173 3.85 -15.55 8.80
C LEU C 173 3.30 -15.67 7.39
N GLY C 174 4.14 -15.45 6.39
CA GLY C 174 3.67 -15.56 5.01
C GLY C 174 3.30 -16.98 4.65
N LEU C 175 4.04 -17.95 5.20
CA LEU C 175 3.69 -19.36 5.01
C LEU C 175 2.32 -19.66 5.58
N ALA C 176 2.07 -19.22 6.83
CA ALA C 176 0.78 -19.50 7.46
C ALA C 176 -0.36 -18.87 6.67
N LEU C 177 -0.17 -17.61 6.24
CA LEU C 177 -1.17 -16.95 5.40
C LEU C 177 -1.48 -17.76 4.15
N ASN C 178 -0.44 -18.13 3.40
CA ASN C 178 -0.69 -18.82 2.13
C ASN C 178 -1.23 -20.23 2.37
N PHE C 179 -0.72 -20.93 3.39
CA PHE C 179 -1.26 -22.24 3.72
C PHE C 179 -2.75 -22.15 4.07
N SER C 180 -3.15 -21.13 4.83
CA SER C 180 -4.57 -21.00 5.17
C SER C 180 -5.40 -20.64 3.94
N VAL C 181 -4.83 -19.89 2.99
CA VAL C 181 -5.53 -19.63 1.73
C VAL C 181 -5.71 -20.93 0.95
N PHE C 182 -4.70 -21.79 0.95
CA PHE C 182 -4.83 -23.12 0.36
C PHE C 182 -6.03 -23.86 0.95
N TYR C 183 -6.08 -23.96 2.28
CA TYR C 183 -7.19 -24.66 2.92
C TYR C 183 -8.52 -24.03 2.53
N TYR C 184 -8.57 -22.70 2.48
CA TYR C 184 -9.84 -22.04 2.22
C TYR C 184 -10.25 -22.18 0.76
N GLU C 185 -9.34 -21.87 -0.17
CA GLU C 185 -9.65 -21.79 -1.60
C GLU C 185 -9.53 -23.13 -2.31
N ILE C 186 -8.53 -23.95 -1.99
CA ILE C 186 -8.31 -25.17 -2.74
C ILE C 186 -9.03 -26.35 -2.10
N LEU C 187 -8.94 -26.50 -0.79
CA LEU C 187 -9.54 -27.64 -0.12
C LEU C 187 -10.94 -27.34 0.43
N ASN C 188 -11.45 -26.12 0.21
CA ASN C 188 -12.77 -25.72 0.69
C ASN C 188 -12.98 -26.10 2.15
N SER C 189 -11.95 -25.87 2.97
CA SER C 189 -11.98 -26.23 4.38
C SER C 189 -11.86 -24.95 5.21
N PRO C 190 -12.96 -24.19 5.34
CA PRO C 190 -12.86 -22.85 5.96
C PRO C 190 -12.47 -22.88 7.43
N GLU C 191 -12.89 -23.90 8.17
CA GLU C 191 -12.57 -23.94 9.59
C GLU C 191 -11.07 -24.15 9.82
N LYS C 192 -10.46 -25.07 9.08
CA LYS C 192 -9.02 -25.27 9.21
C LYS C 192 -8.25 -24.01 8.78
N ALA C 193 -8.75 -23.32 7.74
CA ALA C 193 -8.12 -22.08 7.30
C ALA C 193 -8.16 -21.01 8.39
N CYS C 194 -9.32 -20.83 9.04
CA CYS C 194 -9.42 -19.84 10.11
C CYS C 194 -8.57 -20.23 11.30
N SER C 195 -8.53 -21.52 11.63
CA SER C 195 -7.72 -21.99 12.74
C SER C 195 -6.25 -21.73 12.50
N LEU C 196 -5.77 -22.03 11.29
CA LEU C 196 -4.36 -21.80 10.99
C LEU C 196 -4.03 -20.31 11.06
N ALA C 197 -4.88 -19.46 10.49
CA ALA C 197 -4.63 -18.03 10.47
C ALA C 197 -4.73 -17.43 11.87
N LYS C 198 -5.70 -17.87 12.66
CA LYS C 198 -5.86 -17.32 14.01
C LYS C 198 -4.65 -17.65 14.89
N THR C 199 -4.20 -18.91 14.89
CA THR C 199 -3.09 -19.27 15.77
C THR C 199 -1.80 -18.59 15.33
N ALA C 200 -1.58 -18.46 14.02
CA ALA C 200 -0.40 -17.71 13.56
C ALA C 200 -0.48 -16.26 13.97
N PHE C 201 -1.67 -15.66 13.89
CA PHE C 201 -1.83 -14.28 14.31
C PHE C 201 -1.60 -14.14 15.81
N ASP C 202 -2.22 -15.03 16.60
CA ASP C 202 -2.12 -14.93 18.06
C ASP C 202 -0.69 -15.15 18.55
N GLU C 203 0.02 -16.13 17.97
CA GLU C 203 1.39 -16.38 18.41
C GLU C 203 2.34 -15.26 18.00
N ALA C 204 2.05 -14.57 16.89
CA ALA C 204 2.85 -13.41 16.52
C ALA C 204 2.58 -12.23 17.46
N ILE C 205 1.31 -11.98 17.78
CA ILE C 205 0.97 -10.86 18.67
C ILE C 205 1.62 -11.04 20.04
N ALA C 206 1.64 -12.26 20.55
CA ALA C 206 2.20 -12.51 21.89
C ALA C 206 3.68 -12.17 21.94
N GLU C 207 4.41 -12.47 20.86
CA GLU C 207 5.83 -12.10 20.84
C GLU C 207 6.02 -10.64 20.45
N LEU C 208 5.20 -10.12 19.55
CA LEU C 208 5.36 -8.73 19.16
C LEU C 208 5.14 -7.79 20.34
N ASP C 209 4.24 -8.15 21.26
CA ASP C 209 3.98 -7.27 22.40
C ASP C 209 5.22 -7.09 23.27
N THR C 210 6.19 -8.00 23.21
CA THR C 210 7.42 -7.84 23.98
C THR C 210 8.46 -6.95 23.30
N LEU C 211 8.21 -6.54 22.06
CA LEU C 211 9.20 -5.90 21.20
C LEU C 211 8.76 -4.51 20.78
N ASN C 212 9.71 -3.74 20.25
CA ASN C 212 9.41 -2.50 19.54
C ASN C 212 9.04 -2.84 18.11
N GLU C 213 7.78 -2.63 17.74
CA GLU C 213 7.30 -3.01 16.42
C GLU C 213 7.90 -2.19 15.29
N GLU C 214 8.75 -1.19 15.60
CA GLU C 214 9.36 -0.35 14.57
C GLU C 214 10.01 -1.19 13.48
N SER C 215 10.84 -2.17 13.88
CA SER C 215 11.63 -2.96 12.97
C SER C 215 10.90 -4.21 12.48
N TYR C 216 9.58 -4.24 12.60
CA TYR C 216 8.81 -5.41 12.19
C TYR C 216 7.66 -5.02 11.26
N LYS C 217 7.84 -3.96 10.46
CA LYS C 217 6.74 -3.52 9.61
C LYS C 217 6.34 -4.63 8.63
N ASP C 218 7.30 -5.41 8.13
CA ASP C 218 6.97 -6.52 7.24
C ASP C 218 6.10 -7.55 7.95
N SER C 219 6.37 -7.80 9.22
CA SER C 219 5.56 -8.75 10.00
C SER C 219 4.14 -8.24 10.22
N THR C 220 4.01 -6.97 10.64
CA THR C 220 2.70 -6.42 10.95
C THR C 220 1.80 -6.34 9.72
N LEU C 221 2.34 -6.07 8.54
CA LEU C 221 1.49 -6.04 7.35
C LEU C 221 0.92 -7.42 7.04
N ILE C 222 1.73 -8.47 7.21
CA ILE C 222 1.22 -9.82 6.99
C ILE C 222 0.23 -10.18 8.08
N MET C 223 0.50 -9.79 9.32
CA MET C 223 -0.45 -10.02 10.39
C MET C 223 -1.80 -9.35 10.11
N GLN C 224 -1.78 -8.18 9.47
CA GLN C 224 -3.03 -7.52 9.09
C GLN C 224 -3.78 -8.30 8.02
N LEU C 225 -3.04 -8.86 7.04
CA LEU C 225 -3.68 -9.70 6.03
C LEU C 225 -4.29 -10.95 6.64
N LEU C 226 -3.58 -11.53 7.63
CA LEU C 226 -4.16 -12.64 8.38
C LEU C 226 -5.45 -12.23 9.06
N ARG C 227 -5.45 -11.04 9.68
CA ARG C 227 -6.63 -10.56 10.38
C ARG C 227 -7.74 -10.17 9.41
N ASP C 228 -7.39 -9.58 8.27
CA ASP C 228 -8.40 -9.26 7.27
C ASP C 228 -9.10 -10.52 6.78
N ASN C 229 -8.32 -11.56 6.44
CA ASN C 229 -8.93 -12.80 5.98
C ASN C 229 -9.83 -13.40 7.06
N LEU C 230 -9.39 -13.35 8.31
CA LEU C 230 -10.16 -13.95 9.39
C LEU C 230 -11.54 -13.29 9.53
N THR C 231 -11.59 -11.96 9.54
CA THR C 231 -12.91 -11.31 9.65
C THR C 231 -13.74 -11.55 8.40
N LEU C 232 -13.12 -11.62 7.23
CA LEU C 232 -13.83 -11.94 6.00
C LEU C 232 -14.44 -13.34 6.06
N TRP C 233 -13.63 -14.34 6.38
CA TRP C 233 -14.15 -15.66 6.72
C TRP C 233 -14.87 -15.54 8.06
N THR C 234 -15.23 -16.68 8.66
CA THR C 234 -16.03 -16.71 9.89
C THR C 234 -17.36 -15.96 9.71
N MET D 1 -6.88 -24.04 -36.94
CA MET D 1 -7.32 -22.65 -36.96
C MET D 1 -6.14 -21.69 -37.09
N GLY D 2 -6.47 -20.43 -37.28
CA GLY D 2 -5.49 -19.38 -37.49
C GLY D 2 -6.15 -18.22 -38.19
N SER D 3 -5.50 -17.06 -38.08
CA SER D 3 -6.14 -15.82 -38.53
C SER D 3 -6.53 -15.86 -40.00
N MET D 4 -5.77 -16.60 -40.83
CA MET D 4 -6.06 -16.65 -42.26
C MET D 4 -7.24 -17.55 -42.59
N THR D 5 -7.81 -18.26 -41.61
CA THR D 5 -9.04 -19.03 -41.84
C THR D 5 -10.18 -18.56 -40.96
N MET D 6 -10.15 -17.30 -40.51
CA MET D 6 -11.20 -16.75 -39.66
C MET D 6 -11.84 -15.56 -40.36
N ASP D 7 -13.15 -15.41 -40.21
CA ASP D 7 -13.76 -14.23 -40.81
C ASP D 7 -13.64 -13.04 -39.85
N LYS D 8 -14.02 -11.86 -40.35
CA LYS D 8 -13.78 -10.64 -39.58
C LYS D 8 -14.50 -10.67 -38.23
N SER D 9 -15.73 -11.20 -38.18
CA SER D 9 -16.45 -11.18 -36.91
C SER D 9 -15.79 -12.09 -35.87
N GLU D 10 -15.19 -13.20 -36.30
CA GLU D 10 -14.46 -14.04 -35.34
C GLU D 10 -13.23 -13.32 -34.81
N LEU D 11 -12.53 -12.59 -35.68
CA LEU D 11 -11.34 -11.88 -35.23
C LEU D 11 -11.70 -10.74 -34.29
N VAL D 12 -12.80 -10.05 -34.55
CA VAL D 12 -13.24 -8.99 -33.65
C VAL D 12 -13.65 -9.56 -32.30
N GLN D 13 -14.31 -10.72 -32.30
CA GLN D 13 -14.65 -11.36 -31.04
C GLN D 13 -13.38 -11.72 -30.26
N LYS D 14 -12.38 -12.27 -30.95
CA LYS D 14 -11.10 -12.57 -30.30
C LYS D 14 -10.46 -11.32 -29.71
N ALA D 15 -10.44 -10.23 -30.47
CA ALA D 15 -9.83 -9.00 -29.97
C ALA D 15 -10.55 -8.48 -28.73
N LYS D 16 -11.88 -8.60 -28.68
CA LYS D 16 -12.61 -8.16 -27.50
C LYS D 16 -12.28 -9.03 -26.28
N LEU D 17 -12.18 -10.35 -26.47
CA LEU D 17 -11.76 -11.23 -25.37
C LEU D 17 -10.36 -10.88 -24.89
N ALA D 18 -9.43 -10.66 -25.82
CA ALA D 18 -8.07 -10.31 -25.45
C ALA D 18 -8.03 -9.00 -24.68
N GLU D 19 -8.82 -8.00 -25.10
CA GLU D 19 -8.87 -6.73 -24.37
C GLU D 19 -9.31 -6.96 -22.93
N GLN D 20 -10.36 -7.76 -22.72
CA GLN D 20 -10.85 -7.99 -21.36
C GLN D 20 -9.81 -8.72 -20.51
N ALA D 21 -9.06 -9.64 -21.12
CA ALA D 21 -7.98 -10.35 -20.45
C ALA D 21 -6.72 -9.50 -20.29
N GLU D 22 -6.71 -8.27 -20.80
CA GLU D 22 -5.51 -7.41 -20.81
C GLU D 22 -4.35 -8.11 -21.51
N ARG D 23 -4.63 -8.75 -22.64
CA ARG D 23 -3.61 -9.39 -23.45
C ARG D 23 -3.52 -8.58 -24.74
N TYR D 24 -2.77 -7.48 -24.69
CA TYR D 24 -2.85 -6.50 -25.76
C TYR D 24 -2.04 -6.92 -26.99
N ASP D 25 -1.01 -7.76 -26.81
CA ASP D 25 -0.34 -8.34 -27.97
C ASP D 25 -1.31 -9.18 -28.78
N ASP D 26 -2.06 -10.08 -28.13
CA ASP D 26 -3.11 -10.85 -28.80
C ASP D 26 -4.13 -9.93 -29.46
N MET D 27 -4.52 -8.87 -28.76
CA MET D 27 -5.54 -7.97 -29.26
C MET D 27 -5.06 -7.28 -30.53
N ALA D 28 -3.81 -6.80 -30.53
CA ALA D 28 -3.24 -6.18 -31.74
C ALA D 28 -3.14 -7.16 -32.89
N ALA D 29 -2.71 -8.39 -32.62
CA ALA D 29 -2.58 -9.38 -33.68
C ALA D 29 -3.92 -9.67 -34.34
N ALA D 30 -4.98 -9.76 -33.53
CA ALA D 30 -6.31 -9.99 -34.06
C ALA D 30 -6.75 -8.84 -34.96
N MET D 31 -6.59 -7.59 -34.49
CA MET D 31 -7.06 -6.46 -35.28
C MET D 31 -6.14 -6.16 -36.46
N LYS D 32 -4.85 -6.51 -36.35
CA LYS D 32 -3.99 -6.45 -37.52
C LYS D 32 -4.49 -7.38 -38.62
N ALA D 33 -4.92 -8.59 -38.25
CA ALA D 33 -5.48 -9.52 -39.22
C ALA D 33 -6.75 -8.97 -39.84
N VAL D 34 -7.62 -8.38 -39.02
CA VAL D 34 -8.82 -7.74 -39.56
C VAL D 34 -8.44 -6.69 -40.59
N THR D 35 -7.49 -5.82 -40.23
CA THR D 35 -7.10 -4.73 -41.12
C THR D 35 -6.57 -5.27 -42.44
N GLU D 36 -5.77 -6.34 -42.37
CA GLU D 36 -5.13 -6.91 -43.55
C GLU D 36 -6.12 -7.59 -44.48
N GLN D 37 -7.34 -7.86 -44.03
CA GLN D 37 -8.37 -8.33 -44.95
C GLN D 37 -8.78 -7.25 -45.95
N GLY D 38 -8.44 -5.99 -45.68
CA GLY D 38 -8.51 -4.96 -46.70
C GLY D 38 -9.82 -4.19 -46.80
N HIS D 39 -10.78 -4.42 -45.92
CA HIS D 39 -12.02 -3.67 -45.92
C HIS D 39 -11.94 -2.52 -44.93
N GLU D 40 -12.68 -1.44 -45.23
CA GLU D 40 -12.68 -0.28 -44.35
C GLU D 40 -13.18 -0.64 -42.96
N LEU D 41 -12.43 -0.24 -41.93
CA LEU D 41 -12.82 -0.58 -40.56
C LEU D 41 -14.03 0.22 -40.11
N SER D 42 -14.95 -0.45 -39.43
CA SER D 42 -16.02 0.22 -38.71
C SER D 42 -15.45 1.02 -37.55
N ASN D 43 -16.28 1.89 -36.97
CA ASN D 43 -15.82 2.69 -35.84
CA ASN D 43 -15.82 2.68 -35.84
C ASN D 43 -15.38 1.80 -34.68
N GLU D 44 -16.15 0.74 -34.39
CA GLU D 44 -15.79 -0.20 -33.33
C GLU D 44 -14.48 -0.92 -33.63
N GLU D 45 -14.27 -1.33 -34.89
CA GLU D 45 -13.02 -1.99 -35.26
C GLU D 45 -11.84 -1.03 -35.17
N ARG D 46 -12.05 0.23 -35.57
CA ARG D 46 -10.99 1.23 -35.45
C ARG D 46 -10.59 1.45 -34.00
N ASN D 47 -11.57 1.54 -33.10
CA ASN D 47 -11.30 1.69 -31.66
C ASN D 47 -10.49 0.51 -31.12
N LEU D 48 -10.90 -0.71 -31.48
CA LEU D 48 -10.17 -1.91 -31.05
C LEU D 48 -8.73 -1.89 -31.53
N LEU D 49 -8.53 -1.54 -32.81
CA LEU D 49 -7.18 -1.53 -33.35
C LEU D 49 -6.32 -0.47 -32.66
N SER D 50 -6.86 0.76 -32.52
CA SER D 50 -6.05 1.83 -31.94
CA SER D 50 -6.09 1.86 -31.93
C SER D 50 -5.78 1.62 -30.46
N VAL D 51 -6.75 1.08 -29.71
CA VAL D 51 -6.51 0.78 -28.29
C VAL D 51 -5.44 -0.28 -28.13
N ALA D 52 -5.54 -1.37 -28.90
CA ALA D 52 -4.54 -2.45 -28.84
C ALA D 52 -3.14 -1.89 -29.04
N TYR D 53 -2.92 -1.19 -30.15
CA TYR D 53 -1.58 -0.70 -30.40
C TYR D 53 -1.19 0.43 -29.46
N LYS D 54 -2.13 1.25 -29.02
CA LYS D 54 -1.81 2.22 -27.97
C LYS D 54 -1.19 1.53 -26.76
N ASN D 55 -1.77 0.41 -26.34
CA ASN D 55 -1.26 -0.30 -25.18
C ASN D 55 0.08 -0.99 -25.47
N VAL D 56 0.20 -1.60 -26.64
CA VAL D 56 1.42 -2.33 -27.01
C VAL D 56 2.60 -1.39 -27.12
N VAL D 57 2.44 -0.29 -27.86
CA VAL D 57 3.55 0.67 -27.97
C VAL D 57 3.71 1.45 -26.67
N GLY D 58 2.63 1.68 -25.93
CA GLY D 58 2.72 2.46 -24.71
C GLY D 58 3.54 1.79 -23.63
N ALA D 59 3.51 0.46 -23.57
CA ALA D 59 4.32 -0.24 -22.58
C ALA D 59 5.80 -0.04 -22.87
N ARG D 60 6.20 -0.05 -24.15
CA ARG D 60 7.59 0.19 -24.48
C ARG D 60 7.98 1.64 -24.24
N ARG D 61 7.14 2.60 -24.65
CA ARG D 61 7.43 4.01 -24.41
C ARG D 61 7.67 4.27 -22.92
N SER D 62 6.80 3.72 -22.07
CA SER D 62 6.92 3.91 -20.63
C SER D 62 8.19 3.27 -20.10
N SER D 63 8.48 2.04 -20.51
CA SER D 63 9.74 1.39 -20.15
C SER D 63 10.94 2.22 -20.59
N TRP D 64 10.88 2.76 -21.81
CA TRP D 64 12.00 3.53 -22.35
C TRP D 64 12.30 4.75 -21.50
N ARG D 65 11.26 5.45 -21.05
CA ARG D 65 11.44 6.65 -20.25
C ARG D 65 12.00 6.30 -18.87
N VAL D 66 11.53 5.20 -18.29
CA VAL D 66 12.04 4.74 -17.00
C VAL D 66 13.52 4.40 -17.10
N ILE D 67 13.90 3.63 -18.12
CA ILE D 67 15.32 3.28 -18.26
C ILE D 67 16.16 4.52 -18.55
N SER D 68 15.65 5.41 -19.43
CA SER D 68 16.41 6.60 -19.79
C SER D 68 16.68 7.49 -18.57
N SER D 69 15.73 7.59 -17.65
CA SER D 69 15.98 8.34 -16.43
C SER D 69 17.05 7.68 -15.57
N ILE D 70 17.09 6.34 -15.56
CA ILE D 70 18.10 5.63 -14.79
C ILE D 70 19.48 5.85 -15.37
N GLU D 71 19.58 5.85 -16.71
CA GLU D 71 20.85 6.15 -17.37
C GLU D 71 21.34 7.54 -17.01
N GLN D 72 20.44 8.52 -16.96
CA GLN D 72 20.81 9.87 -16.57
C GLN D 72 21.34 9.91 -15.14
N LYS D 73 20.61 9.26 -14.22
CA LYS D 73 20.98 9.32 -12.81
C LYS D 73 22.30 8.63 -12.51
N THR D 74 22.75 7.73 -13.39
CA THR D 74 24.01 7.01 -13.16
C THR D 74 24.99 7.25 -14.30
N GLN D 81 26.45 1.41 -15.62
CA GLN D 81 26.83 2.51 -16.52
C GLN D 81 26.53 2.14 -17.96
N GLN D 82 27.02 0.97 -18.37
CA GLN D 82 26.85 0.48 -19.73
C GLN D 82 25.54 -0.31 -19.88
N MET D 83 25.15 -1.06 -18.85
CA MET D 83 24.01 -1.96 -18.95
C MET D 83 22.71 -1.22 -19.26
N GLY D 84 22.56 0.01 -18.77
CA GLY D 84 21.39 0.79 -19.11
C GLY D 84 21.28 1.04 -20.60
N LYS D 85 22.41 1.01 -21.31
CA LYS D 85 22.41 1.34 -22.73
C LYS D 85 21.94 0.15 -23.57
N GLU D 86 22.46 -1.06 -23.29
CA GLU D 86 21.95 -2.25 -23.99
C GLU D 86 20.45 -2.43 -23.79
N TYR D 87 19.98 -2.22 -22.56
CA TYR D 87 18.56 -2.44 -22.26
C TYR D 87 17.69 -1.41 -22.97
N ARG D 88 18.09 -0.13 -22.94
CA ARG D 88 17.34 0.88 -23.68
C ARG D 88 17.32 0.57 -25.16
N GLU D 89 18.46 0.14 -25.73
CA GLU D 89 18.52 -0.20 -27.15
C GLU D 89 17.61 -1.37 -27.49
N LYS D 90 17.52 -2.36 -26.61
CA LYS D 90 16.61 -3.49 -26.84
C LYS D 90 15.15 -3.02 -26.82
N ILE D 91 14.82 -2.10 -25.91
CA ILE D 91 13.47 -1.55 -25.88
C ILE D 91 13.19 -0.72 -27.12
N GLU D 92 14.18 0.07 -27.54
CA GLU D 92 14.03 0.86 -28.77
C GLU D 92 13.77 -0.03 -29.97
N ALA D 93 14.46 -1.17 -30.06
CA ALA D 93 14.23 -2.07 -31.19
C ALA D 93 12.79 -2.57 -31.21
N GLU D 94 12.23 -2.90 -30.04
CA GLU D 94 10.85 -3.34 -29.97
C GLU D 94 9.89 -2.24 -30.40
N LEU D 95 10.11 -1.03 -29.87
CA LEU D 95 9.33 0.13 -30.25
C LEU D 95 9.34 0.35 -31.76
N GLN D 96 10.52 0.26 -32.36
CA GLN D 96 10.61 0.50 -33.79
C GLN D 96 9.90 -0.59 -34.58
N ASP D 97 9.97 -1.84 -34.11
CA ASP D 97 9.20 -2.89 -34.78
C ASP D 97 7.71 -2.65 -34.65
N ILE D 98 7.25 -2.20 -33.48
CA ILE D 98 5.81 -1.97 -33.30
C ILE D 98 5.33 -0.82 -34.17
N CYS D 99 6.04 0.31 -34.11
CA CYS D 99 5.64 1.47 -34.90
C CYS D 99 5.67 1.17 -36.39
N ASN D 100 6.67 0.41 -36.84
CA ASN D 100 6.76 0.10 -38.26
C ASN D 100 5.57 -0.75 -38.72
N ASP D 101 5.13 -1.70 -37.89
CA ASP D 101 3.94 -2.49 -38.23
C ASP D 101 2.70 -1.60 -38.38
N VAL D 102 2.50 -0.70 -37.41
CA VAL D 102 1.35 0.21 -37.47
C VAL D 102 1.43 1.09 -38.71
N LEU D 103 2.61 1.65 -38.96
CA LEU D 103 2.76 2.56 -40.10
C LEU D 103 2.57 1.82 -41.41
N GLU D 104 2.95 0.55 -41.47
CA GLU D 104 2.66 -0.24 -42.67
C GLU D 104 1.15 -0.44 -42.83
N LEU D 105 0.43 -0.71 -41.73
CA LEU D 105 -1.02 -0.85 -41.83
C LEU D 105 -1.65 0.45 -42.31
N LEU D 106 -1.18 1.58 -41.80
CA LEU D 106 -1.70 2.87 -42.21
C LEU D 106 -1.49 3.09 -43.71
N ASP D 107 -0.28 2.80 -44.20
CA ASP D 107 -0.03 3.14 -45.59
C ASP D 107 -0.65 2.14 -46.56
N LYS D 108 -0.69 0.85 -46.20
CA LYS D 108 -1.19 -0.15 -47.13
C LYS D 108 -2.71 -0.28 -47.12
N TYR D 109 -3.35 -0.02 -45.97
CA TYR D 109 -4.77 -0.32 -45.84
C TYR D 109 -5.60 0.86 -45.34
N LEU D 110 -5.23 1.41 -44.19
CA LEU D 110 -6.16 2.29 -43.48
C LEU D 110 -6.35 3.61 -44.23
N ILE D 111 -5.25 4.28 -44.56
CA ILE D 111 -5.33 5.58 -45.24
C ILE D 111 -5.88 5.41 -46.66
N PRO D 112 -5.40 4.47 -47.49
CA PRO D 112 -6.00 4.34 -48.83
C PRO D 112 -7.46 3.91 -48.83
N ASN D 113 -7.93 3.18 -47.82
CA ASN D 113 -9.32 2.74 -47.83
C ASN D 113 -10.29 3.73 -47.19
N ALA D 114 -9.80 4.81 -46.60
CA ALA D 114 -10.71 5.71 -45.89
C ALA D 114 -11.57 6.46 -46.91
N THR D 115 -12.88 6.46 -46.68
CA THR D 115 -13.82 7.03 -47.63
C THR D 115 -14.45 8.33 -47.18
N GLN D 116 -14.43 8.65 -45.88
CA GLN D 116 -14.93 9.92 -45.39
C GLN D 116 -13.79 10.78 -44.84
N PRO D 117 -13.91 12.11 -44.89
CA PRO D 117 -12.80 12.97 -44.41
C PRO D 117 -12.45 12.74 -42.96
N GLU D 118 -13.42 12.42 -42.11
CA GLU D 118 -13.17 12.18 -40.70
C GLU D 118 -12.22 11.00 -40.52
N SER D 119 -12.43 9.93 -41.29
CA SER D 119 -11.56 8.76 -41.23
C SER D 119 -10.16 9.11 -41.71
N LYS D 120 -10.05 9.90 -42.78
CA LYS D 120 -8.74 10.25 -43.31
C LYS D 120 -7.94 11.06 -42.30
N VAL D 121 -8.61 12.01 -41.63
CA VAL D 121 -7.93 12.82 -40.62
C VAL D 121 -7.49 11.94 -39.46
N PHE D 122 -8.33 11.00 -39.04
CA PHE D 122 -7.97 10.10 -37.95
C PHE D 122 -6.70 9.32 -38.29
N TYR D 123 -6.66 8.72 -39.48
CA TYR D 123 -5.55 7.84 -39.78
C TYR D 123 -4.28 8.64 -40.08
N LEU D 124 -4.40 9.84 -40.64
CA LEU D 124 -3.23 10.67 -40.81
C LEU D 124 -2.70 11.18 -39.47
N LYS D 125 -3.61 11.49 -38.54
CA LYS D 125 -3.19 11.80 -37.18
C LYS D 125 -2.48 10.61 -36.57
N MET D 126 -3.02 9.40 -36.80
CA MET D 126 -2.38 8.21 -36.27
C MET D 126 -0.98 8.04 -36.85
N LYS D 127 -0.83 8.29 -38.16
CA LYS D 127 0.49 8.23 -38.79
C LYS D 127 1.45 9.26 -38.18
N GLY D 128 0.97 10.49 -37.97
CA GLY D 128 1.79 11.46 -37.25
C GLY D 128 2.17 10.98 -35.86
N ASP D 129 1.23 10.39 -35.12
CA ASP D 129 1.53 9.91 -33.76
C ASP D 129 2.63 8.86 -33.79
N TYR D 130 2.52 7.87 -34.66
CA TYR D 130 3.47 6.78 -34.58
C TYR D 130 4.84 7.18 -35.12
N PHE D 131 4.89 8.10 -36.09
CA PHE D 131 6.19 8.65 -36.46
C PHE D 131 6.76 9.52 -35.35
N ARG D 132 5.90 10.15 -34.56
CA ARG D 132 6.37 10.90 -33.39
C ARG D 132 6.97 9.95 -32.35
N TYR D 133 6.34 8.79 -32.12
CA TYR D 133 6.88 7.84 -31.16
C TYR D 133 8.24 7.32 -31.61
N LEU D 134 8.41 7.10 -32.92
CA LEU D 134 9.75 6.77 -33.43
C LEU D 134 10.72 7.92 -33.18
N SER D 135 10.27 9.16 -33.39
CA SER D 135 11.12 10.33 -33.19
CA SER D 135 11.15 10.31 -33.20
C SER D 135 11.56 10.46 -31.74
N GLU D 136 10.73 10.02 -30.79
CA GLU D 136 11.05 10.15 -29.38
C GLU D 136 12.34 9.44 -29.01
N VAL D 137 12.69 8.38 -29.73
CA VAL D 137 13.90 7.61 -29.44
C VAL D 137 14.91 7.62 -30.58
N ALA D 138 14.59 8.22 -31.72
CA ALA D 138 15.48 8.20 -32.88
C ALA D 138 16.69 9.13 -32.69
N SER D 139 17.73 8.88 -33.46
CA SER D 139 18.94 9.70 -33.47
C SER D 139 19.37 10.01 -34.89
N GLY D 140 20.11 11.11 -35.04
CA GLY D 140 20.86 11.35 -36.26
C GLY D 140 20.00 11.65 -37.46
N ASP D 141 20.44 11.15 -38.62
CA ASP D 141 19.69 11.35 -39.86
C ASP D 141 18.33 10.68 -39.78
N ASN D 142 18.25 9.54 -39.10
CA ASN D 142 16.98 8.84 -38.97
C ASN D 142 15.96 9.69 -38.22
N LYS D 143 16.39 10.41 -37.18
CA LYS D 143 15.49 11.31 -36.48
C LYS D 143 14.99 12.41 -37.40
N GLN D 144 15.88 12.95 -38.24
CA GLN D 144 15.50 13.89 -39.29
C GLN D 144 14.34 13.37 -40.12
N THR D 145 14.45 12.11 -40.57
CA THR D 145 13.43 11.52 -41.42
C THR D 145 12.13 11.27 -40.66
N THR D 146 12.20 10.68 -39.47
CA THR D 146 10.97 10.43 -38.72
C THR D 146 10.29 11.72 -38.28
N VAL D 147 11.06 12.76 -37.95
CA VAL D 147 10.47 14.03 -37.57
C VAL D 147 9.76 14.67 -38.75
N SER D 148 10.42 14.68 -39.92
CA SER D 148 9.81 15.17 -41.15
C SER D 148 8.58 14.34 -41.53
N ASN D 149 8.67 13.02 -41.38
CA ASN D 149 7.51 12.18 -41.71
C ASN D 149 6.34 12.46 -40.78
N SER D 150 6.62 12.64 -39.49
CA SER D 150 5.56 12.96 -38.54
C SER D 150 4.92 14.29 -38.88
N GLN D 151 5.75 15.32 -39.11
CA GLN D 151 5.22 16.64 -39.43
C GLN D 151 4.38 16.62 -40.70
N GLN D 152 4.83 15.88 -41.73
CA GLN D 152 4.06 15.85 -42.98
C GLN D 152 2.68 15.21 -42.77
N ALA D 153 2.62 14.13 -42.00
CA ALA D 153 1.35 13.43 -41.77
C ALA D 153 0.38 14.31 -40.98
N TYR D 154 0.87 14.92 -39.91
CA TYR D 154 0.03 15.81 -39.11
C TYR D 154 -0.48 16.97 -39.96
N GLN D 155 0.39 17.54 -40.80
CA GLN D 155 0.03 18.69 -41.60
C GLN D 155 -1.04 18.33 -42.62
N GLU D 156 -0.90 17.17 -43.29
CA GLU D 156 -1.93 16.74 -44.22
C GLU D 156 -3.27 16.54 -43.52
N ALA D 157 -3.24 15.95 -42.32
CA ALA D 157 -4.49 15.82 -41.56
C ALA D 157 -5.02 17.19 -41.18
N PHE D 158 -4.13 18.09 -40.79
CA PHE D 158 -4.52 19.43 -40.38
C PHE D 158 -5.24 20.17 -41.50
N GLU D 159 -4.73 20.08 -42.73
CA GLU D 159 -5.36 20.78 -43.85
C GLU D 159 -6.75 20.22 -44.14
N ILE D 160 -6.91 18.90 -44.08
CA ILE D 160 -8.20 18.30 -44.37
C ILE D 160 -9.22 18.68 -43.29
N SER D 161 -8.79 18.69 -42.03
CA SER D 161 -9.72 19.00 -40.95
C SER D 161 -10.18 20.46 -41.02
N LYS D 162 -9.33 21.37 -41.50
CA LYS D 162 -9.76 22.76 -41.68
C LYS D 162 -10.86 22.89 -42.72
N LYS D 163 -10.84 22.03 -43.73
CA LYS D 163 -11.76 22.14 -44.85
C LYS D 163 -13.02 21.30 -44.68
N GLU D 164 -12.98 20.26 -43.84
CA GLU D 164 -14.06 19.28 -43.81
C GLU D 164 -14.58 18.97 -42.42
N MET D 165 -14.10 19.62 -41.38
CA MET D 165 -14.54 19.29 -40.03
C MET D 165 -14.76 20.58 -39.23
N GLN D 166 -15.74 20.52 -38.31
CA GLN D 166 -16.03 21.63 -37.41
C GLN D 166 -14.90 21.82 -36.40
N PRO D 167 -14.70 23.06 -35.93
CA PRO D 167 -13.67 23.30 -34.90
C PRO D 167 -13.89 22.56 -33.60
N THR D 168 -15.12 22.10 -33.32
CA THR D 168 -15.43 21.35 -32.11
C THR D 168 -15.36 19.84 -32.31
N HIS D 169 -15.08 19.36 -33.52
CA HIS D 169 -15.00 17.91 -33.73
C HIS D 169 -13.88 17.34 -32.88
N PRO D 170 -14.14 16.30 -32.07
CA PRO D 170 -13.07 15.74 -31.21
C PRO D 170 -11.82 15.34 -31.96
N ILE D 171 -11.94 14.88 -33.21
CA ILE D 171 -10.74 14.45 -33.93
C ILE D 171 -9.91 15.66 -34.36
N ARG D 172 -10.57 16.74 -34.78
CA ARG D 172 -9.83 17.94 -35.14
C ARG D 172 -9.17 18.55 -33.92
N LEU D 173 -9.88 18.57 -32.80
CA LEU D 173 -9.26 19.01 -31.56
C LEU D 173 -8.14 18.07 -31.14
N GLY D 174 -8.34 16.76 -31.29
CA GLY D 174 -7.29 15.84 -30.90
C GLY D 174 -6.07 15.96 -31.77
N LEU D 175 -6.28 16.15 -33.08
CA LEU D 175 -5.17 16.43 -33.96
C LEU D 175 -4.39 17.65 -33.47
N ALA D 176 -5.10 18.72 -33.14
CA ALA D 176 -4.43 19.92 -32.66
C ALA D 176 -3.61 19.64 -31.42
N LEU D 177 -4.19 18.91 -30.46
CA LEU D 177 -3.47 18.61 -29.21
C LEU D 177 -2.17 17.85 -29.47
N ASN D 178 -2.23 16.79 -30.28
CA ASN D 178 -1.03 15.99 -30.48
C ASN D 178 -0.03 16.69 -31.39
N PHE D 179 -0.51 17.40 -32.43
CA PHE D 179 0.39 18.19 -33.27
C PHE D 179 1.09 19.26 -32.45
N SER D 180 0.34 19.88 -31.53
CA SER D 180 0.96 20.82 -30.60
C SER D 180 2.05 20.14 -29.77
N VAL D 181 1.76 18.94 -29.24
CA VAL D 181 2.79 18.21 -28.49
C VAL D 181 4.03 18.00 -29.36
N PHE D 182 3.82 17.62 -30.64
CA PHE D 182 4.94 17.44 -31.56
C PHE D 182 5.81 18.69 -31.64
N TYR D 183 5.19 19.84 -31.89
CA TYR D 183 5.96 21.09 -31.99
C TYR D 183 6.71 21.38 -30.69
N TYR D 184 6.07 21.20 -29.53
CA TYR D 184 6.72 21.50 -28.26
C TYR D 184 7.88 20.55 -28.00
N GLU D 185 7.63 19.25 -28.12
CA GLU D 185 8.54 18.25 -27.59
C GLU D 185 9.52 17.75 -28.62
N ILE D 186 9.08 17.61 -29.88
CA ILE D 186 9.91 17.03 -30.92
C ILE D 186 10.67 18.10 -31.69
N LEU D 187 10.00 19.16 -32.13
CA LEU D 187 10.73 20.23 -32.80
C LEU D 187 11.29 21.25 -31.83
N ASN D 188 10.94 21.18 -30.55
CA ASN D 188 11.39 22.13 -29.54
C ASN D 188 11.05 23.57 -29.93
N SER D 189 9.82 23.79 -30.42
CA SER D 189 9.31 25.11 -30.76
C SER D 189 8.10 25.40 -29.87
N PRO D 190 8.33 25.82 -28.62
CA PRO D 190 7.21 26.04 -27.70
C PRO D 190 6.26 27.12 -28.16
N GLU D 191 6.74 28.11 -28.90
CA GLU D 191 5.87 29.17 -29.41
C GLU D 191 4.81 28.60 -30.33
N LYS D 192 5.25 27.98 -31.43
CA LYS D 192 4.31 27.37 -32.38
C LYS D 192 3.40 26.35 -31.68
N ALA D 193 3.93 25.60 -30.71
CA ALA D 193 3.11 24.64 -29.99
C ALA D 193 2.01 25.32 -29.18
N CYS D 194 2.38 26.31 -28.37
CA CYS D 194 1.39 27.08 -27.62
C CYS D 194 0.42 27.79 -28.56
N SER D 195 0.91 28.31 -29.69
CA SER D 195 0.07 29.01 -30.63
C SER D 195 -0.94 28.08 -31.29
N LEU D 196 -0.48 26.95 -31.82
CA LEU D 196 -1.38 25.97 -32.42
C LEU D 196 -2.46 25.54 -31.42
N ALA D 197 -2.06 25.27 -30.18
CA ALA D 197 -3.01 24.82 -29.17
C ALA D 197 -4.02 25.92 -28.83
N LYS D 198 -3.55 27.14 -28.63
CA LYS D 198 -4.47 28.23 -28.31
C LYS D 198 -5.44 28.48 -29.45
N THR D 199 -4.94 28.49 -30.69
CA THR D 199 -5.80 28.76 -31.83
C THR D 199 -6.92 27.71 -31.96
N ALA D 200 -6.61 26.45 -31.68
CA ALA D 200 -7.63 25.41 -31.79
C ALA D 200 -8.68 25.53 -30.69
N PHE D 201 -8.24 25.84 -29.47
CA PHE D 201 -9.20 26.05 -28.40
C PHE D 201 -10.15 27.19 -28.71
N ASP D 202 -9.62 28.28 -29.28
CA ASP D 202 -10.41 29.48 -29.51
C ASP D 202 -11.39 29.30 -30.66
N GLU D 203 -10.97 28.62 -31.75
CA GLU D 203 -11.93 28.34 -32.82
C GLU D 203 -13.07 27.48 -32.33
N ALA D 204 -12.84 26.63 -31.32
CA ALA D 204 -13.86 25.72 -30.82
C ALA D 204 -14.81 26.41 -29.84
N ILE D 205 -14.29 27.33 -29.03
CA ILE D 205 -15.16 28.17 -28.21
C ILE D 205 -16.06 29.02 -29.10
N ALA D 206 -15.48 29.59 -30.16
CA ALA D 206 -16.19 30.42 -31.13
C ALA D 206 -17.30 29.68 -31.89
N GLU D 207 -17.48 28.39 -31.59
CA GLU D 207 -18.55 27.62 -32.19
C GLU D 207 -19.32 26.76 -31.19
N LEU D 208 -18.89 26.69 -29.94
CA LEU D 208 -19.58 25.88 -28.93
C LEU D 208 -21.01 26.36 -28.71
N LYS D 217 -19.67 13.90 -26.04
CA LYS D 217 -19.15 15.04 -25.29
C LYS D 217 -17.65 14.98 -25.16
N ASP D 218 -17.00 14.35 -26.14
CA ASP D 218 -15.54 14.31 -26.19
C ASP D 218 -14.93 15.69 -26.38
N SER D 219 -15.74 16.67 -26.79
CA SER D 219 -15.23 17.98 -27.14
C SER D 219 -14.63 18.69 -25.93
N THR D 220 -15.32 18.63 -24.78
CA THR D 220 -14.85 19.36 -23.61
C THR D 220 -13.67 18.69 -22.94
N LEU D 221 -13.55 17.36 -23.04
CA LEU D 221 -12.36 16.71 -22.47
C LEU D 221 -11.09 17.19 -23.15
N ILE D 222 -11.11 17.28 -24.49
CA ILE D 222 -9.88 17.61 -25.20
C ILE D 222 -9.59 19.10 -25.13
N MET D 223 -10.63 19.94 -25.17
CA MET D 223 -10.42 21.37 -24.92
C MET D 223 -9.78 21.58 -23.56
N GLN D 224 -10.19 20.79 -22.56
CA GLN D 224 -9.52 20.83 -21.26
C GLN D 224 -8.06 20.41 -21.40
N LEU D 225 -7.80 19.33 -22.13
CA LEU D 225 -6.41 18.94 -22.37
C LEU D 225 -5.62 20.05 -23.05
N LEU D 226 -6.23 20.72 -24.02
CA LEU D 226 -5.55 21.85 -24.64
C LEU D 226 -5.19 22.90 -23.59
N ARG D 227 -6.11 23.15 -22.65
CA ARG D 227 -5.84 24.16 -21.63
C ARG D 227 -4.81 23.67 -20.63
N ASP D 228 -4.84 22.39 -20.26
CA ASP D 228 -3.86 21.86 -19.32
C ASP D 228 -2.44 21.95 -19.88
N ASN D 229 -2.28 21.62 -21.17
CA ASN D 229 -0.95 21.70 -21.78
C ASN D 229 -0.47 23.15 -21.86
N LEU D 230 -1.38 24.08 -22.16
CA LEU D 230 -1.03 25.50 -22.11
C LEU D 230 -0.59 25.90 -20.70
N THR D 231 -1.37 25.53 -19.68
CA THR D 231 -0.99 25.84 -18.31
C THR D 231 0.36 25.23 -17.95
N LEU D 232 0.61 24.01 -18.41
CA LEU D 232 1.88 23.36 -18.11
C LEU D 232 3.05 24.08 -18.79
N TRP D 233 2.87 24.47 -20.05
CA TRP D 233 4.00 24.97 -20.82
C TRP D 233 4.33 26.43 -20.52
N THR D 234 3.37 27.19 -20.00
CA THR D 234 3.59 28.61 -19.70
C THR D 234 3.68 28.89 -18.21
N SER D 235 3.89 27.87 -17.38
CA SER D 235 4.02 28.07 -15.93
C SER D 235 5.18 27.25 -15.35
N ILE E 6 -13.39 0.80 3.65
CA ILE E 6 -13.57 0.66 2.21
C ILE E 6 -13.79 2.02 1.53
N SEP E 7 -13.53 3.10 2.26
CA SEP E 7 -13.68 4.47 1.74
CB SEP E 7 -14.17 5.40 2.84
OG SEP E 7 -13.30 5.29 3.96
C SEP E 7 -12.33 4.95 1.20
O SEP E 7 -11.35 4.22 1.31
P SEP E 7 -13.84 6.03 5.30
O1P SEP E 7 -14.13 7.55 4.93
O2P SEP E 7 -12.63 5.96 6.33
O3P SEP E 7 -15.11 5.26 5.87
N VAL E 8 -12.29 6.16 0.64
CA VAL E 8 -11.05 6.68 0.04
C VAL E 8 -10.01 6.83 1.12
N ILE E 9 -8.74 6.68 0.71
CA ILE E 9 -7.61 6.75 1.63
C ILE E 9 -6.81 8.04 1.41
N ARG E 18 18.52 -2.85 10.31
CA ARG E 18 17.50 -3.00 11.34
C ARG E 18 17.98 -2.48 12.70
N ARG E 19 17.04 -1.98 13.50
CA ARG E 19 17.35 -1.33 14.76
C ARG E 19 17.68 -2.37 15.83
N ARG E 20 18.62 -2.04 16.72
CA ARG E 20 18.97 -2.98 17.80
C ARG E 20 17.73 -3.28 18.64
N GLN E 21 17.74 -4.44 19.29
CA GLN E 21 16.55 -4.93 19.95
C GLN E 21 16.64 -4.82 21.47
N SEP E 22 15.53 -4.40 22.09
CA SEP E 22 15.37 -4.47 23.54
CB SEP E 22 15.29 -3.07 24.15
OG SEP E 22 14.19 -2.38 23.59
C SEP E 22 14.09 -5.27 23.79
O SEP E 22 13.27 -5.39 22.87
P SEP E 22 14.04 -0.87 24.11
O1P SEP E 22 12.76 -0.35 23.32
O2P SEP E 22 15.32 -0.01 23.70
O3P SEP E 22 13.81 -0.97 25.69
N VAL E 23 13.91 -5.81 24.98
CA VAL E 23 12.76 -6.65 25.23
C VAL E 23 12.09 -6.35 26.58
N LEU E 24 10.77 -6.54 26.61
CA LEU E 24 9.96 -6.50 27.82
C LEU E 24 9.45 -7.91 28.07
N ASN E 25 9.69 -8.44 29.26
CA ASN E 25 9.26 -9.80 29.58
C ASN E 25 7.79 -9.83 29.96
N LEU E 26 7.01 -10.66 29.27
CA LEU E 26 5.61 -10.87 29.59
C LEU E 26 5.45 -12.36 29.90
N MET E 27 5.45 -12.69 31.19
CA MET E 27 5.25 -14.06 31.65
C MET E 27 3.76 -14.38 31.60
N THR E 28 3.40 -15.56 32.08
CA THR E 28 1.99 -15.95 32.13
C THR E 28 1.75 -17.04 33.19
N ILE F 6 -5.45 -12.47 -1.74
CA ILE F 6 -5.59 -12.60 -0.29
C ILE F 6 -4.42 -13.41 0.25
N SEP F 7 -3.49 -13.74 -0.65
CA SEP F 7 -2.26 -14.45 -0.28
CB SEP F 7 -1.81 -15.40 -1.41
OG SEP F 7 -1.71 -14.65 -2.62
C SEP F 7 -1.20 -13.40 -0.03
O SEP F 7 -1.44 -12.21 -0.24
P SEP F 7 -1.46 -15.53 -3.95
O1P SEP F 7 -1.23 -14.53 -5.18
O2P SEP F 7 -0.20 -16.47 -3.73
O3P SEP F 7 -2.77 -16.41 -4.20
N VAL F 8 -0.02 -13.83 0.40
CA VAL F 8 1.02 -12.89 0.82
C VAL F 8 1.49 -12.06 -0.38
N ILE F 9 1.77 -10.79 -0.13
CA ILE F 9 2.25 -9.90 -1.19
C ILE F 9 3.74 -9.61 -0.97
N ARG F 18 3.61 16.13 -13.42
CA ARG F 18 2.47 16.00 -14.31
C ARG F 18 2.90 16.20 -15.76
N ARG F 19 2.69 15.19 -16.60
CA ARG F 19 3.22 15.24 -17.95
C ARG F 19 2.21 15.86 -18.93
N ARG F 20 2.74 16.42 -20.01
CA ARG F 20 1.90 16.96 -21.08
C ARG F 20 1.01 15.85 -21.65
N GLN F 21 -0.15 16.26 -22.16
CA GLN F 21 -1.18 15.31 -22.57
C GLN F 21 -1.33 15.15 -24.09
N SEP F 22 -1.38 13.89 -24.53
CA SEP F 22 -1.76 13.54 -25.88
CB SEP F 22 -0.67 12.74 -26.58
OG SEP F 22 -0.40 11.55 -25.85
C SEP F 22 -3.07 12.73 -25.80
O SEP F 22 -3.39 12.17 -24.75
P SEP F 22 0.83 10.72 -26.47
O1P SEP F 22 0.44 10.37 -27.99
O2P SEP F 22 2.17 11.58 -26.38
O3P SEP F 22 0.99 9.36 -25.60
N VAL F 23 -3.83 12.65 -26.89
CA VAL F 23 -5.10 11.95 -26.82
C VAL F 23 -5.32 11.07 -28.05
N LEU F 24 -5.94 9.91 -27.81
CA LEU F 24 -6.47 9.03 -28.85
C LEU F 24 -7.99 9.19 -28.90
N ASN F 25 -8.54 9.42 -30.09
CA ASN F 25 -10.00 9.58 -30.20
C ASN F 25 -10.68 8.23 -30.29
N LEU F 26 -11.57 7.95 -29.34
CA LEU F 26 -12.37 6.72 -29.28
C LEU F 26 -13.83 7.15 -29.35
N MET F 27 -14.35 7.26 -30.56
CA MET F 27 -15.75 7.65 -30.73
C MET F 27 -16.66 6.50 -30.30
N THR F 28 -17.74 6.84 -29.62
CA THR F 28 -18.70 5.83 -29.15
C THR F 28 -19.40 5.16 -30.33
OH2 ETE G . -14.73 3.01 32.99
C12 ETE G . -15.75 2.76 32.05
C22 ETE G . -15.98 3.98 31.18
OH3 ETE G . -14.77 4.64 30.95
C13 ETE G . -13.62 6.46 29.98
C23 ETE G . -14.90 6.01 30.68
OH4 ETE G . -12.53 6.47 30.88
C14 ETE G . -10.24 6.97 31.38
C24 ETE G . -11.34 6.94 30.31
OH5 ETE G . -9.77 5.66 31.59
C15 ETE G . -9.60 4.38 33.64
C25 ETE G . -9.00 5.51 32.77
OH6 ETE G . -9.61 4.73 35.00
C26 ETE G . -10.88 4.80 35.60
OH2 ETE H . -6.46 -15.43 -34.05
C12 ETE H . -6.01 -14.11 -33.83
C22 ETE H . -5.77 -13.96 -32.33
OH3 ETE H . -4.52 -13.38 -32.03
C13 ETE H . -4.26 -14.73 -30.07
C23 ETE H . -3.62 -14.26 -31.37
OH4 ETE H . -3.58 -15.81 -29.46
C14 ETE H . -4.85 -17.62 -28.42
C24 ETE H . -4.17 -17.07 -29.68
OH5 ETE H . -5.63 -18.74 -28.77
C15 ETE H . -7.86 -19.37 -29.42
C25 ETE H . -6.98 -18.60 -28.44
OH6 ETE H . -9.03 -18.63 -29.58
C26 ETE H . -9.20 -18.14 -30.89
#